data_1PGY
#
_entry.id   1PGY
#
_entity_poly.entity_id   1
_entity_poly.type   'polypeptide(L)'
_entity_poly.pdbx_seq_one_letter_code
;ALVDEVKDMEIARLMSLGLSIEEATEFYENDVTYERYLEILKSKQKE
;
_entity_poly.pdbx_strand_id   A
#
# COMPACT_ATOMS: atom_id res chain seq x y z
N ALA A 1 -9.99 -5.04 12.22
CA ALA A 1 -10.66 -6.08 11.38
C ALA A 1 -9.63 -7.04 10.76
N LEU A 2 -9.99 -8.32 10.65
CA LEU A 2 -9.09 -9.42 10.21
C LEU A 2 -9.61 -10.17 8.94
N VAL A 3 -10.68 -9.69 8.31
CA VAL A 3 -11.22 -10.21 7.04
C VAL A 3 -10.28 -9.91 5.86
N ASP A 4 -10.20 -10.80 4.85
CA ASP A 4 -9.39 -10.59 3.63
C ASP A 4 -9.78 -9.33 2.84
N GLU A 5 -11.05 -8.91 2.96
CA GLU A 5 -11.60 -7.64 2.44
C GLU A 5 -10.85 -6.40 2.92
N VAL A 6 -10.31 -6.39 4.14
CA VAL A 6 -9.42 -5.31 4.63
C VAL A 6 -8.17 -5.23 3.78
N LYS A 7 -7.48 -6.36 3.59
CA LYS A 7 -6.28 -6.44 2.75
C LYS A 7 -6.59 -5.88 1.34
N ASP A 8 -7.66 -6.37 0.70
CA ASP A 8 -8.08 -5.96 -0.65
C ASP A 8 -8.41 -4.46 -0.78
N MET A 9 -9.10 -3.87 0.19
CA MET A 9 -9.41 -2.42 0.23
C MET A 9 -8.15 -1.54 0.33
N GLU A 10 -7.26 -1.92 1.25
CA GLU A 10 -5.94 -1.27 1.47
C GLU A 10 -5.02 -1.43 0.24
N ILE A 11 -5.16 -2.53 -0.49
CA ILE A 11 -4.50 -2.77 -1.78
C ILE A 11 -5.10 -1.87 -2.89
N ALA A 12 -6.42 -1.70 -2.95
CA ALA A 12 -7.07 -0.77 -3.88
C ALA A 12 -6.61 0.69 -3.67
N ARG A 13 -6.34 1.07 -2.40
CA ARG A 13 -5.69 2.33 -2.06
C ARG A 13 -4.30 2.50 -2.73
N LEU A 14 -3.53 1.40 -2.85
CA LEU A 14 -2.25 1.39 -3.60
C LEU A 14 -2.42 1.79 -5.07
N MET A 15 -3.41 1.21 -5.75
CA MET A 15 -3.74 1.54 -7.14
C MET A 15 -4.13 3.03 -7.34
N SER A 16 -4.79 3.66 -6.37
CA SER A 16 -5.10 5.09 -6.41
C SER A 16 -3.86 6.01 -6.37
N LEU A 17 -2.82 5.65 -5.62
CA LEU A 17 -1.53 6.37 -5.63
C LEU A 17 -0.63 6.00 -6.84
N GLY A 18 -0.74 4.78 -7.38
CA GLY A 18 0.09 4.27 -8.46
C GLY A 18 1.20 3.38 -7.91
N LEU A 19 0.96 2.06 -7.90
CA LEU A 19 1.91 1.03 -7.43
C LEU A 19 1.81 -0.27 -8.29
N SER A 20 2.62 -1.30 -7.99
CA SER A 20 2.59 -2.64 -8.61
C SER A 20 1.28 -3.42 -8.29
N ILE A 21 1.25 -4.74 -8.47
CA ILE A 21 0.13 -5.61 -8.03
C ILE A 21 0.59 -6.41 -6.79
N GLU A 22 1.02 -7.67 -6.93
CA GLU A 22 1.33 -8.54 -5.77
C GLU A 22 2.45 -8.01 -4.86
N GLU A 23 3.54 -7.51 -5.45
CA GLU A 23 4.60 -6.79 -4.70
C GLU A 23 4.08 -5.55 -3.98
N ALA A 24 3.24 -4.74 -4.64
CA ALA A 24 2.56 -3.62 -3.99
C ALA A 24 1.81 -4.07 -2.72
N THR A 25 1.08 -5.19 -2.72
CA THR A 25 0.38 -5.67 -1.50
C THR A 25 1.35 -5.93 -0.34
N GLU A 26 2.38 -6.77 -0.56
CA GLU A 26 3.44 -7.03 0.44
C GLU A 26 4.09 -5.74 0.95
N PHE A 27 4.45 -4.82 0.05
CA PHE A 27 5.02 -3.51 0.40
C PHE A 27 4.11 -2.69 1.33
N TYR A 28 2.84 -2.54 0.95
CA TYR A 28 1.80 -1.87 1.75
C TYR A 28 1.83 -2.32 3.21
N GLU A 29 1.73 -3.64 3.44
CA GLU A 29 1.74 -4.29 4.76
C GLU A 29 3.08 -4.18 5.51
N ASN A 30 4.21 -4.20 4.79
CA ASN A 30 5.56 -4.06 5.36
C ASN A 30 5.96 -2.60 5.71
N ASP A 31 5.35 -1.60 5.05
CA ASP A 31 5.58 -0.16 5.32
C ASP A 31 4.66 0.38 6.43
N VAL A 32 3.46 -0.23 6.49
CA VAL A 32 2.26 0.05 7.36
C VAL A 32 0.87 -0.43 6.85
N THR A 33 -0.10 0.48 6.69
CA THR A 33 -1.53 0.29 6.44
C THR A 33 -2.05 1.09 5.23
N TYR A 34 -1.65 2.36 5.04
CA TYR A 34 -2.02 3.25 3.93
C TYR A 34 -1.38 4.66 4.11
N GLU A 35 -1.99 5.55 4.92
CA GLU A 35 -1.58 6.98 5.02
C GLU A 35 -0.14 7.17 5.47
N ARG A 36 0.34 6.29 6.34
CA ARG A 36 1.74 6.25 6.78
C ARG A 36 2.73 5.90 5.64
N TYR A 37 2.40 4.95 4.74
CA TYR A 37 3.30 4.62 3.62
C TYR A 37 3.25 5.73 2.59
N LEU A 38 2.07 6.32 2.32
CA LEU A 38 1.92 7.45 1.41
C LEU A 38 2.90 8.57 1.76
N GLU A 39 2.96 8.92 3.05
CA GLU A 39 3.86 9.96 3.58
C GLU A 39 5.35 9.62 3.36
N ILE A 40 5.74 8.37 3.57
CA ILE A 40 7.11 7.87 3.37
C ILE A 40 7.50 7.81 1.87
N LEU A 41 6.61 7.32 1.01
CA LEU A 41 6.78 7.24 -0.45
C LEU A 41 6.87 8.64 -1.10
N LYS A 42 6.07 9.61 -0.63
CA LYS A 42 6.15 11.01 -1.05
C LYS A 42 7.50 11.68 -0.69
N SER A 43 8.10 11.24 0.42
CA SER A 43 9.48 11.60 0.78
C SER A 43 10.47 11.07 -0.28
N LYS A 44 10.43 9.75 -0.53
CA LYS A 44 11.09 9.06 -1.65
C LYS A 44 10.59 9.51 -3.07
N GLN A 45 11.08 8.84 -4.12
CA GLN A 45 10.75 9.07 -5.55
C GLN A 45 10.77 10.55 -6.03
N LYS A 46 11.99 11.11 -6.07
CA LYS A 46 12.27 12.43 -6.67
C LYS A 46 11.98 12.48 -8.19
N GLU A 47 11.72 13.69 -8.72
CA GLU A 47 11.29 14.01 -10.11
C GLU A 47 10.09 13.16 -10.60
N ALA A 1 -6.74 -7.34 12.33
CA ALA A 1 -7.91 -7.92 11.61
C ALA A 1 -7.56 -9.19 10.80
N LEU A 2 -6.59 -9.13 9.88
CA LEU A 2 -6.27 -10.17 8.87
C LEU A 2 -7.44 -10.55 7.91
N VAL A 3 -8.49 -9.73 7.84
CA VAL A 3 -9.65 -9.95 6.94
C VAL A 3 -9.27 -9.64 5.48
N ASP A 4 -9.66 -10.52 4.55
CA ASP A 4 -9.49 -10.32 3.09
C ASP A 4 -10.09 -8.99 2.60
N GLU A 5 -11.25 -8.59 3.12
CA GLU A 5 -11.90 -7.29 2.81
C GLU A 5 -11.05 -6.08 3.18
N VAL A 6 -10.39 -6.13 4.35
CA VAL A 6 -9.43 -5.09 4.78
C VAL A 6 -8.23 -5.06 3.84
N LYS A 7 -7.60 -6.20 3.57
CA LYS A 7 -6.44 -6.25 2.66
C LYS A 7 -6.81 -5.65 1.29
N ASP A 8 -7.87 -6.12 0.63
CA ASP A 8 -8.31 -5.61 -0.68
C ASP A 8 -8.56 -4.09 -0.68
N MET A 9 -9.32 -3.60 0.30
CA MET A 9 -9.58 -2.15 0.45
C MET A 9 -8.29 -1.31 0.61
N GLU A 10 -7.30 -1.84 1.35
CA GLU A 10 -5.99 -1.18 1.55
C GLU A 10 -5.09 -1.32 0.31
N ILE A 11 -5.13 -2.42 -0.43
CA ILE A 11 -4.38 -2.63 -1.68
C ILE A 11 -4.94 -1.75 -2.81
N ALA A 12 -6.26 -1.64 -2.93
CA ALA A 12 -6.93 -0.67 -3.81
C ALA A 12 -6.46 0.78 -3.55
N ARG A 13 -6.14 1.12 -2.30
CA ARG A 13 -5.48 2.37 -1.94
C ARG A 13 -4.08 2.52 -2.60
N LEU A 14 -3.30 1.43 -2.73
CA LEU A 14 -2.06 1.41 -3.54
C LEU A 14 -2.32 1.65 -5.03
N MET A 15 -3.29 1.00 -5.69
CA MET A 15 -3.66 1.32 -7.08
C MET A 15 -3.97 2.81 -7.31
N SER A 16 -4.78 3.41 -6.42
CA SER A 16 -5.07 4.85 -6.45
C SER A 16 -3.81 5.75 -6.45
N LEU A 17 -2.73 5.32 -5.78
CA LEU A 17 -1.44 6.04 -5.76
C LEU A 17 -0.47 5.72 -6.91
N GLY A 18 -0.55 4.58 -7.61
CA GLY A 18 0.33 4.27 -8.75
C GLY A 18 1.44 3.25 -8.42
N LEU A 19 1.07 2.05 -7.97
CA LEU A 19 1.99 0.98 -7.51
C LEU A 19 1.71 -0.37 -8.23
N SER A 20 2.56 -1.37 -7.95
CA SER A 20 2.56 -2.74 -8.50
C SER A 20 1.26 -3.55 -8.22
N ILE A 21 1.33 -4.90 -8.28
CA ILE A 21 0.18 -5.78 -7.95
C ILE A 21 0.51 -6.61 -6.69
N GLU A 22 1.02 -7.83 -6.85
CA GLU A 22 1.36 -8.77 -5.75
C GLU A 22 2.54 -8.28 -4.91
N GLU A 23 3.48 -7.56 -5.55
CA GLU A 23 4.58 -6.86 -4.86
C GLU A 23 4.05 -5.69 -4.03
N ALA A 24 3.23 -4.79 -4.60
CA ALA A 24 2.55 -3.74 -3.83
C ALA A 24 1.79 -4.28 -2.61
N THR A 25 0.94 -5.31 -2.76
CA THR A 25 0.20 -5.85 -1.60
C THR A 25 1.11 -6.26 -0.43
N GLU A 26 2.27 -6.86 -0.73
CA GLU A 26 3.31 -7.18 0.27
C GLU A 26 4.13 -5.96 0.72
N PHE A 27 4.29 -4.94 -0.12
CA PHE A 27 5.00 -3.72 0.21
C PHE A 27 4.20 -2.93 1.24
N TYR A 28 2.96 -2.55 0.94
CA TYR A 28 1.98 -1.97 1.88
C TYR A 28 2.01 -2.64 3.26
N GLU A 29 1.76 -3.96 3.31
CA GLU A 29 1.75 -4.70 4.59
C GLU A 29 3.08 -4.69 5.37
N ASN A 30 4.24 -4.58 4.72
CA ASN A 30 5.58 -4.42 5.37
C ASN A 30 5.94 -2.96 5.75
N ASP A 31 5.51 -2.04 4.89
CA ASP A 31 5.60 -0.59 5.07
C ASP A 31 4.77 -0.21 6.29
N VAL A 32 3.44 -0.23 6.21
CA VAL A 32 2.61 0.09 7.39
C VAL A 32 1.11 -0.31 7.33
N THR A 33 0.27 0.47 6.63
CA THR A 33 -1.22 0.44 6.61
C THR A 33 -1.71 1.15 5.34
N TYR A 34 -1.41 2.44 5.08
CA TYR A 34 -1.64 3.16 3.82
C TYR A 34 -1.12 4.62 3.95
N GLU A 35 -1.78 5.33 4.87
CA GLU A 35 -1.56 6.78 5.11
C GLU A 35 -0.13 7.07 5.56
N ARG A 36 0.49 6.14 6.30
CA ARG A 36 1.92 6.22 6.61
C ARG A 36 2.82 5.95 5.38
N TYR A 37 2.61 4.94 4.51
CA TYR A 37 3.50 4.72 3.36
C TYR A 37 3.34 5.87 2.34
N LEU A 38 2.11 6.28 2.02
CA LEU A 38 1.85 7.50 1.23
C LEU A 38 2.68 8.70 1.73
N GLU A 39 2.73 8.86 3.05
CA GLU A 39 3.63 9.84 3.69
C GLU A 39 5.12 9.59 3.44
N ILE A 40 5.62 8.37 3.59
CA ILE A 40 7.05 8.03 3.44
C ILE A 40 7.51 8.11 1.97
N LEU A 41 6.81 7.47 1.04
CA LEU A 41 7.04 7.42 -0.42
C LEU A 41 6.95 8.84 -1.06
N LYS A 42 5.82 9.53 -0.87
CA LYS A 42 5.66 10.95 -1.30
C LYS A 42 6.73 11.92 -0.73
N SER A 43 7.34 11.56 0.42
CA SER A 43 8.54 12.28 0.92
C SER A 43 9.85 11.87 0.19
N LYS A 44 10.02 10.56 -0.04
CA LYS A 44 11.04 9.92 -0.89
C LYS A 44 10.91 10.24 -2.40
N GLN A 45 11.72 9.58 -3.24
CA GLN A 45 11.58 9.58 -4.70
C GLN A 45 10.18 9.17 -5.17
N LYS A 46 9.53 10.05 -5.93
CA LYS A 46 8.21 9.88 -6.56
C LYS A 46 8.31 9.77 -8.10
N GLU A 47 7.17 9.54 -8.77
CA GLU A 47 7.04 9.61 -10.25
C GLU A 47 7.33 11.01 -10.83
N ALA A 1 -7.08 -10.61 10.78
CA ALA A 1 -6.67 -12.02 11.02
C ALA A 1 -7.57 -13.00 10.27
N LEU A 2 -8.77 -13.31 10.79
CA LEU A 2 -9.75 -14.21 10.13
C LEU A 2 -10.21 -13.70 8.76
N VAL A 3 -10.63 -12.43 8.71
CA VAL A 3 -11.10 -11.74 7.51
C VAL A 3 -10.04 -10.77 7.00
N ASP A 4 -9.72 -10.88 5.71
CA ASP A 4 -8.76 -10.03 4.98
C ASP A 4 -9.45 -9.09 3.97
N GLU A 5 -10.77 -8.90 4.09
CA GLU A 5 -11.54 -7.90 3.33
C GLU A 5 -10.98 -6.49 3.44
N VAL A 6 -10.52 -6.09 4.64
CA VAL A 6 -9.82 -4.79 4.81
C VAL A 6 -8.58 -4.72 3.93
N LYS A 7 -7.76 -5.79 3.92
CA LYS A 7 -6.50 -5.83 3.17
C LYS A 7 -6.75 -5.67 1.66
N ASP A 8 -7.73 -6.38 1.10
CA ASP A 8 -8.14 -6.30 -0.31
C ASP A 8 -8.57 -4.88 -0.74
N MET A 9 -9.35 -4.21 0.11
CA MET A 9 -9.69 -2.78 -0.06
C MET A 9 -8.45 -1.86 -0.01
N GLU A 10 -7.55 -2.06 0.95
CA GLU A 10 -6.28 -1.32 1.04
C GLU A 10 -5.41 -1.48 -0.22
N ILE A 11 -5.46 -2.63 -0.90
CA ILE A 11 -4.77 -2.82 -2.18
C ILE A 11 -5.31 -1.88 -3.27
N ALA A 12 -6.64 -1.74 -3.38
CA ALA A 12 -7.24 -0.77 -4.31
C ALA A 12 -6.76 0.68 -4.05
N ARG A 13 -6.61 1.06 -2.78
CA ARG A 13 -6.00 2.33 -2.41
C ARG A 13 -4.57 2.53 -2.96
N LEU A 14 -3.72 1.48 -2.95
CA LEU A 14 -2.38 1.51 -3.56
C LEU A 14 -2.42 1.80 -5.06
N MET A 15 -3.41 1.22 -5.73
CA MET A 15 -3.69 1.46 -7.16
C MET A 15 -4.09 2.92 -7.46
N SER A 16 -4.59 3.66 -6.46
CA SER A 16 -4.78 5.11 -6.60
C SER A 16 -3.42 5.84 -6.63
N LEU A 17 -2.58 5.71 -5.58
CA LEU A 17 -1.22 6.28 -5.56
C LEU A 17 -0.30 5.85 -6.73
N GLY A 18 -0.45 4.63 -7.25
CA GLY A 18 0.31 4.08 -8.37
C GLY A 18 1.49 3.19 -7.96
N LEU A 19 1.23 1.90 -7.68
CA LEU A 19 2.26 0.89 -7.32
C LEU A 19 2.27 -0.29 -8.32
N SER A 20 2.79 -1.45 -7.92
CA SER A 20 2.82 -2.70 -8.75
C SER A 20 1.53 -3.54 -8.50
N ILE A 21 1.59 -4.88 -8.57
CA ILE A 21 0.45 -5.80 -8.32
C ILE A 21 0.71 -6.63 -7.04
N GLU A 22 1.24 -7.86 -7.15
CA GLU A 22 1.57 -8.74 -6.00
C GLU A 22 2.62 -8.09 -5.11
N GLU A 23 3.70 -7.55 -5.70
CA GLU A 23 4.63 -6.70 -4.94
C GLU A 23 4.01 -5.49 -4.27
N ALA A 24 3.04 -4.77 -4.86
CA ALA A 24 2.37 -3.70 -4.13
C ALA A 24 1.70 -4.22 -2.85
N THR A 25 0.92 -5.31 -2.94
CA THR A 25 0.25 -5.86 -1.75
C THR A 25 1.23 -6.20 -0.61
N GLU A 26 2.34 -6.88 -0.93
CA GLU A 26 3.40 -7.17 0.04
C GLU A 26 4.20 -5.95 0.47
N PHE A 27 4.25 -4.90 -0.36
CA PHE A 27 4.90 -3.64 0.00
C PHE A 27 4.02 -2.88 1.01
N TYR A 28 2.74 -2.65 0.73
CA TYR A 28 1.73 -2.10 1.64
C TYR A 28 1.77 -2.64 3.08
N GLU A 29 1.85 -3.97 3.25
CA GLU A 29 1.92 -4.63 4.58
C GLU A 29 3.29 -4.50 5.28
N ASN A 30 4.37 -4.63 4.51
CA ASN A 30 5.76 -4.31 4.94
C ASN A 30 6.11 -2.81 5.04
N ASP A 31 5.14 -1.98 4.67
CA ASP A 31 5.18 -0.53 4.83
C ASP A 31 4.46 -0.19 6.09
N VAL A 32 3.13 -0.35 6.18
CA VAL A 32 2.32 0.02 7.34
C VAL A 32 0.84 -0.31 7.00
N THR A 33 -0.05 0.70 7.05
CA THR A 33 -1.42 0.71 6.56
C THR A 33 -1.62 1.46 5.23
N TYR A 34 -1.62 2.80 5.06
CA TYR A 34 -2.05 3.42 3.78
C TYR A 34 -1.52 4.89 3.77
N GLU A 35 -1.84 5.61 4.85
CA GLU A 35 -1.50 7.05 5.07
C GLU A 35 -0.07 7.27 5.58
N ARG A 36 0.42 6.36 6.43
CA ARG A 36 1.84 6.36 6.85
C ARG A 36 2.77 6.16 5.64
N TYR A 37 2.55 5.12 4.80
CA TYR A 37 3.42 4.88 3.64
C TYR A 37 3.28 6.00 2.62
N LEU A 38 2.05 6.46 2.37
CA LEU A 38 1.78 7.62 1.52
C LEU A 38 2.72 8.79 1.88
N GLU A 39 2.89 9.09 3.17
CA GLU A 39 3.81 10.14 3.68
C GLU A 39 5.29 9.80 3.49
N ILE A 40 5.73 8.57 3.79
CA ILE A 40 7.13 8.14 3.67
C ILE A 40 7.59 8.12 2.20
N LEU A 41 6.82 7.50 1.31
CA LEU A 41 6.98 7.50 -0.15
C LEU A 41 6.87 8.92 -0.73
N LYS A 42 5.96 9.75 -0.22
CA LYS A 42 5.95 11.19 -0.59
C LYS A 42 7.31 11.88 -0.34
N SER A 43 8.00 11.50 0.76
CA SER A 43 9.34 12.00 1.07
C SER A 43 10.46 11.37 0.19
N LYS A 44 10.25 10.17 -0.34
CA LYS A 44 11.18 9.46 -1.24
C LYS A 44 10.45 8.50 -2.23
N GLN A 45 9.97 9.04 -3.36
CA GLN A 45 9.30 8.26 -4.43
C GLN A 45 10.17 8.06 -5.69
N LYS A 46 11.41 8.58 -5.68
CA LYS A 46 12.38 8.44 -6.77
C LYS A 46 12.82 6.97 -7.02
N GLU A 47 13.19 6.70 -8.27
CA GLU A 47 13.51 5.36 -8.85
C GLU A 47 14.70 5.45 -9.79
N ALA A 1 -9.03 -14.47 7.62
CA ALA A 1 -9.24 -15.93 7.38
C ALA A 1 -10.08 -16.14 6.12
N LEU A 2 -9.59 -16.99 5.21
CA LEU A 2 -10.07 -17.23 3.82
C LEU A 2 -10.02 -15.97 2.93
N VAL A 3 -10.90 -15.02 3.20
CA VAL A 3 -10.97 -13.67 2.60
C VAL A 3 -10.37 -12.63 3.55
N ASP A 4 -10.17 -11.40 3.07
CA ASP A 4 -9.70 -10.28 3.89
C ASP A 4 -10.13 -8.92 3.32
N GLU A 5 -11.35 -8.48 3.64
CA GLU A 5 -11.91 -7.19 3.16
C GLU A 5 -11.05 -5.98 3.50
N VAL A 6 -10.41 -5.97 4.67
CA VAL A 6 -9.44 -4.93 5.05
C VAL A 6 -8.24 -4.94 4.09
N LYS A 7 -7.61 -6.10 3.88
CA LYS A 7 -6.47 -6.22 2.96
C LYS A 7 -6.87 -5.76 1.53
N ASP A 8 -8.02 -6.20 1.00
CA ASP A 8 -8.49 -5.88 -0.36
C ASP A 8 -8.81 -4.38 -0.57
N MET A 9 -9.41 -3.71 0.42
CA MET A 9 -9.65 -2.25 0.38
C MET A 9 -8.33 -1.46 0.43
N GLU A 10 -7.46 -1.73 1.41
CA GLU A 10 -6.13 -1.10 1.52
C GLU A 10 -5.30 -1.32 0.25
N ILE A 11 -5.32 -2.52 -0.34
CA ILE A 11 -4.67 -2.84 -1.63
C ILE A 11 -5.22 -1.98 -2.79
N ALA A 12 -6.54 -1.82 -2.90
CA ALA A 12 -7.15 -0.95 -3.91
C ALA A 12 -6.68 0.52 -3.76
N ARG A 13 -6.44 0.96 -2.52
CA ARG A 13 -5.80 2.24 -2.20
C ARG A 13 -4.37 2.37 -2.78
N LEU A 14 -3.50 1.35 -2.69
CA LEU A 14 -2.17 1.32 -3.36
C LEU A 14 -2.27 1.42 -4.89
N MET A 15 -3.26 0.73 -5.46
CA MET A 15 -3.60 0.84 -6.89
C MET A 15 -3.99 2.27 -7.31
N SER A 16 -4.49 3.11 -6.41
CA SER A 16 -4.72 4.53 -6.69
C SER A 16 -3.40 5.33 -6.72
N LEU A 17 -2.54 5.20 -5.68
CA LEU A 17 -1.21 5.86 -5.66
C LEU A 17 -0.28 5.57 -6.86
N GLY A 18 -0.48 4.46 -7.61
CA GLY A 18 0.23 4.19 -8.88
C GLY A 18 1.41 3.22 -8.73
N LEU A 19 1.19 2.12 -8.01
CA LEU A 19 2.21 1.13 -7.65
C LEU A 19 2.13 -0.14 -8.53
N SER A 20 2.80 -1.23 -8.14
CA SER A 20 2.81 -2.51 -8.86
C SER A 20 1.51 -3.34 -8.59
N ILE A 21 1.56 -4.68 -8.66
CA ILE A 21 0.45 -5.59 -8.27
C ILE A 21 0.73 -6.37 -6.96
N GLU A 22 1.45 -7.50 -7.02
CA GLU A 22 1.65 -8.39 -5.85
C GLU A 22 2.67 -7.80 -4.90
N GLU A 23 3.81 -7.35 -5.44
CA GLU A 23 4.82 -6.55 -4.73
C GLU A 23 4.21 -5.32 -4.06
N ALA A 24 3.29 -4.64 -4.73
CA ALA A 24 2.55 -3.51 -4.15
C ALA A 24 1.75 -3.93 -2.91
N THR A 25 0.96 -5.00 -2.99
CA THR A 25 0.18 -5.51 -1.85
C THR A 25 1.05 -5.95 -0.66
N GLU A 26 2.19 -6.60 -0.94
CA GLU A 26 3.12 -7.05 0.11
C GLU A 26 3.78 -5.85 0.76
N PHE A 27 4.41 -4.98 -0.04
CA PHE A 27 5.05 -3.73 0.37
C PHE A 27 4.14 -2.78 1.17
N TYR A 28 2.86 -2.70 0.80
CA TYR A 28 1.82 -2.01 1.56
C TYR A 28 1.83 -2.47 3.02
N GLU A 29 1.53 -3.75 3.26
CA GLU A 29 1.60 -4.36 4.59
C GLU A 29 2.99 -4.32 5.24
N ASN A 30 4.06 -4.41 4.44
CA ASN A 30 5.42 -4.56 4.92
C ASN A 30 5.96 -3.26 5.52
N ASP A 31 5.65 -2.07 4.98
CA ASP A 31 5.96 -0.80 5.65
C ASP A 31 4.97 -0.46 6.78
N VAL A 32 3.69 -0.59 6.43
CA VAL A 32 2.54 -0.11 7.25
C VAL A 32 1.11 -0.43 6.75
N THR A 33 0.21 0.56 6.82
CA THR A 33 -1.21 0.56 6.52
C THR A 33 -1.57 1.32 5.24
N TYR A 34 -1.49 2.66 5.14
CA TYR A 34 -2.00 3.35 3.94
C TYR A 34 -1.43 4.80 3.96
N GLU A 35 -1.69 5.51 5.07
CA GLU A 35 -1.34 6.94 5.19
C GLU A 35 0.11 7.17 5.61
N ARG A 36 0.64 6.28 6.45
CA ARG A 36 2.07 6.27 6.79
C ARG A 36 2.97 6.01 5.56
N TYR A 37 2.71 4.99 4.74
CA TYR A 37 3.55 4.74 3.55
C TYR A 37 3.32 5.84 2.51
N LEU A 38 2.08 6.30 2.32
CA LEU A 38 1.78 7.45 1.47
C LEU A 38 2.68 8.64 1.82
N GLU A 39 2.85 8.96 3.11
CA GLU A 39 3.77 10.01 3.60
C GLU A 39 5.23 9.71 3.31
N ILE A 40 5.72 8.50 3.60
CA ILE A 40 7.12 8.12 3.37
C ILE A 40 7.48 8.16 1.87
N LEU A 41 6.71 7.46 1.01
CA LEU A 41 6.87 7.38 -0.45
C LEU A 41 6.75 8.76 -1.14
N LYS A 42 5.76 9.55 -0.72
CA LYS A 42 5.59 10.95 -1.17
C LYS A 42 6.83 11.83 -0.83
N SER A 43 7.42 11.63 0.37
CA SER A 43 8.64 12.35 0.80
C SER A 43 9.94 11.83 0.15
N LYS A 44 9.97 10.55 -0.25
CA LYS A 44 11.08 9.87 -0.95
C LYS A 44 10.68 8.48 -1.51
N GLN A 45 11.14 8.12 -2.71
CA GLN A 45 10.86 6.81 -3.34
C GLN A 45 12.16 6.19 -3.90
N LYS A 46 12.35 4.88 -3.69
CA LYS A 46 13.42 4.10 -4.34
C LYS A 46 13.23 3.96 -5.87
N GLU A 47 14.19 3.32 -6.55
CA GLU A 47 14.21 3.07 -8.01
C GLU A 47 14.59 1.61 -8.30
N ALA A 1 -5.39 -14.36 11.33
CA ALA A 1 -6.53 -13.97 12.21
C ALA A 1 -7.29 -12.75 11.67
N LEU A 2 -6.62 -11.59 11.52
CA LEU A 2 -7.17 -10.37 10.89
C LEU A 2 -7.90 -10.65 9.56
N VAL A 3 -9.02 -9.95 9.33
CA VAL A 3 -9.88 -10.10 8.15
C VAL A 3 -9.12 -9.91 6.82
N ASP A 4 -9.48 -10.65 5.77
CA ASP A 4 -8.88 -10.51 4.42
C ASP A 4 -9.53 -9.41 3.56
N GLU A 5 -10.79 -9.05 3.83
CA GLU A 5 -11.52 -7.98 3.11
C GLU A 5 -10.89 -6.59 3.31
N VAL A 6 -10.37 -6.30 4.51
CA VAL A 6 -9.65 -5.03 4.76
C VAL A 6 -8.40 -4.93 3.89
N LYS A 7 -7.67 -6.04 3.72
CA LYS A 7 -6.53 -6.07 2.81
C LYS A 7 -6.96 -5.74 1.37
N ASP A 8 -8.02 -6.37 0.83
CA ASP A 8 -8.53 -6.07 -0.53
C ASP A 8 -8.89 -4.59 -0.77
N MET A 9 -9.51 -3.94 0.24
CA MET A 9 -9.80 -2.49 0.21
C MET A 9 -8.54 -1.61 0.26
N GLU A 10 -7.62 -1.86 1.20
CA GLU A 10 -6.34 -1.12 1.33
C GLU A 10 -5.43 -1.30 0.10
N ILE A 11 -5.53 -2.45 -0.59
CA ILE A 11 -4.83 -2.74 -1.85
C ILE A 11 -5.39 -1.89 -3.03
N ALA A 12 -6.70 -1.64 -3.07
CA ALA A 12 -7.31 -0.73 -4.06
C ALA A 12 -6.86 0.74 -3.85
N ARG A 13 -6.74 1.14 -2.58
CA ARG A 13 -6.11 2.41 -2.18
C ARG A 13 -4.70 2.57 -2.79
N LEU A 14 -3.90 1.49 -2.87
CA LEU A 14 -2.55 1.51 -3.49
C LEU A 14 -2.58 1.83 -4.99
N MET A 15 -3.52 1.20 -5.69
CA MET A 15 -3.83 1.48 -7.10
C MET A 15 -4.23 2.94 -7.36
N SER A 16 -4.63 3.69 -6.32
CA SER A 16 -4.85 5.14 -6.42
C SER A 16 -3.57 6.01 -6.38
N LEU A 17 -2.49 5.63 -5.66
CA LEU A 17 -1.20 6.31 -5.78
C LEU A 17 -0.45 5.88 -7.07
N GLY A 18 -0.44 4.57 -7.36
CA GLY A 18 0.32 3.96 -8.46
C GLY A 18 1.45 3.03 -7.98
N LEU A 19 1.22 1.71 -7.98
CA LEU A 19 2.15 0.64 -7.60
C LEU A 19 2.15 -0.57 -8.59
N SER A 20 2.62 -1.73 -8.17
CA SER A 20 2.71 -3.01 -8.91
C SER A 20 1.47 -3.91 -8.69
N ILE A 21 1.64 -5.24 -8.52
CA ILE A 21 0.56 -6.22 -8.23
C ILE A 21 0.86 -6.91 -6.87
N GLU A 22 1.46 -8.12 -6.85
CA GLU A 22 1.87 -8.84 -5.61
C GLU A 22 3.04 -8.16 -4.87
N GLU A 23 3.74 -7.26 -5.56
CA GLU A 23 4.73 -6.39 -4.93
C GLU A 23 4.05 -5.21 -4.27
N ALA A 24 3.00 -4.59 -4.85
CA ALA A 24 2.26 -3.52 -4.19
C ALA A 24 1.61 -3.94 -2.88
N THR A 25 0.91 -5.09 -2.85
CA THR A 25 0.20 -5.53 -1.64
C THR A 25 1.18 -5.94 -0.55
N GLU A 26 2.17 -6.78 -0.87
CA GLU A 26 3.23 -7.15 0.08
C GLU A 26 4.11 -5.96 0.49
N PHE A 27 4.19 -4.88 -0.30
CA PHE A 27 4.89 -3.67 0.11
C PHE A 27 4.00 -2.85 1.05
N TYR A 28 2.71 -2.63 0.76
CA TYR A 28 1.74 -2.00 1.65
C TYR A 28 1.74 -2.54 3.08
N GLU A 29 1.69 -3.87 3.25
CA GLU A 29 1.76 -4.50 4.59
C GLU A 29 3.15 -4.37 5.23
N ASN A 30 4.24 -4.68 4.50
CA ASN A 30 5.62 -4.45 4.99
C ASN A 30 6.07 -2.98 5.12
N ASP A 31 5.19 -2.02 4.76
CA ASP A 31 5.39 -0.60 5.02
C ASP A 31 4.57 -0.23 6.22
N VAL A 32 3.22 -0.27 6.17
CA VAL A 32 2.38 0.02 7.34
C VAL A 32 0.89 -0.37 7.01
N THR A 33 0.04 0.63 6.70
CA THR A 33 -1.39 0.51 6.35
C THR A 33 -1.83 1.31 5.11
N TYR A 34 -1.54 2.62 4.96
CA TYR A 34 -2.08 3.47 3.88
C TYR A 34 -1.43 4.88 3.97
N GLU A 35 -1.88 5.76 4.88
CA GLU A 35 -1.37 7.16 4.96
C GLU A 35 0.08 7.25 5.43
N ARG A 36 0.50 6.33 6.29
CA ARG A 36 1.90 6.26 6.75
C ARG A 36 2.88 5.97 5.59
N TYR A 37 2.60 5.00 4.70
CA TYR A 37 3.48 4.70 3.56
C TYR A 37 3.37 5.79 2.50
N LEU A 38 2.17 6.35 2.28
CA LEU A 38 2.00 7.52 1.41
C LEU A 38 2.95 8.64 1.83
N GLU A 39 3.07 8.95 3.13
CA GLU A 39 3.95 10.01 3.64
C GLU A 39 5.42 9.68 3.40
N ILE A 40 5.85 8.47 3.75
CA ILE A 40 7.25 8.01 3.58
C ILE A 40 7.70 8.02 2.09
N LEU A 41 6.91 7.42 1.19
CA LEU A 41 7.16 7.33 -0.25
C LEU A 41 7.02 8.68 -0.99
N LYS A 42 6.11 9.56 -0.54
CA LYS A 42 5.97 10.93 -1.09
C LYS A 42 7.15 11.82 -0.66
N SER A 43 7.64 11.67 0.58
CA SER A 43 8.89 12.31 1.03
C SER A 43 10.03 11.91 0.08
N LYS A 44 10.26 10.60 -0.06
CA LYS A 44 11.14 9.97 -1.04
C LYS A 44 12.60 10.05 -0.56
N GLN A 45 13.14 11.27 -0.42
CA GLN A 45 14.50 11.62 0.07
C GLN A 45 15.64 10.68 -0.40
N LYS A 46 15.49 10.12 -1.60
CA LYS A 46 16.39 9.15 -2.22
C LYS A 46 16.27 9.25 -3.75
N GLU A 47 17.42 9.30 -4.45
CA GLU A 47 17.54 9.46 -5.91
C GLU A 47 18.89 8.96 -6.42
N ALA A 1 -9.13 -14.99 -1.71
CA ALA A 1 -10.44 -14.30 -1.77
C ALA A 1 -11.46 -15.00 -0.87
N LEU A 2 -11.62 -14.54 0.38
CA LEU A 2 -12.55 -15.10 1.39
C LEU A 2 -12.77 -14.18 2.62
N VAL A 3 -11.69 -13.82 3.33
CA VAL A 3 -11.70 -12.95 4.54
C VAL A 3 -10.68 -11.79 4.45
N ASP A 4 -10.00 -11.70 3.31
CA ASP A 4 -9.07 -10.64 2.90
C ASP A 4 -9.77 -9.32 2.50
N GLU A 5 -11.04 -9.08 2.84
CA GLU A 5 -11.77 -7.82 2.55
C GLU A 5 -11.03 -6.56 2.98
N VAL A 6 -10.47 -6.56 4.19
CA VAL A 6 -9.60 -5.49 4.71
C VAL A 6 -8.38 -5.30 3.82
N LYS A 7 -7.67 -6.40 3.53
CA LYS A 7 -6.51 -6.35 2.65
C LYS A 7 -6.88 -5.80 1.27
N ASP A 8 -7.97 -6.26 0.63
CA ASP A 8 -8.34 -5.87 -0.74
C ASP A 8 -8.65 -4.37 -0.84
N MET A 9 -9.39 -3.81 0.11
CA MET A 9 -9.59 -2.36 0.23
C MET A 9 -8.27 -1.57 0.37
N GLU A 10 -7.54 -1.85 1.45
CA GLU A 10 -6.20 -1.27 1.71
C GLU A 10 -5.25 -1.38 0.50
N ILE A 11 -5.32 -2.48 -0.25
CA ILE A 11 -4.57 -2.72 -1.49
C ILE A 11 -5.09 -1.83 -2.65
N ALA A 12 -6.40 -1.68 -2.85
CA ALA A 12 -6.96 -0.73 -3.82
C ALA A 12 -6.56 0.72 -3.50
N ARG A 13 -6.35 1.04 -2.22
CA ARG A 13 -5.76 2.31 -1.82
C ARG A 13 -4.35 2.52 -2.41
N LEU A 14 -3.52 1.47 -2.53
CA LEU A 14 -2.26 1.53 -3.30
C LEU A 14 -2.42 1.75 -4.80
N MET A 15 -3.44 1.15 -5.42
CA MET A 15 -3.67 1.30 -6.87
C MET A 15 -3.98 2.77 -7.26
N SER A 16 -4.72 3.52 -6.43
CA SER A 16 -4.96 4.96 -6.62
C SER A 16 -3.65 5.77 -6.75
N LEU A 17 -2.79 5.63 -5.72
CA LEU A 17 -1.45 6.23 -5.70
C LEU A 17 -0.53 5.78 -6.87
N GLY A 18 -0.81 4.63 -7.51
CA GLY A 18 -0.08 4.15 -8.67
C GLY A 18 1.11 3.30 -8.23
N LEU A 19 0.86 2.00 -8.03
CA LEU A 19 1.85 1.05 -7.51
C LEU A 19 1.81 -0.29 -8.27
N SER A 20 2.66 -1.26 -7.88
CA SER A 20 2.72 -2.65 -8.39
C SER A 20 1.40 -3.45 -8.21
N ILE A 21 1.47 -4.79 -8.20
CA ILE A 21 0.28 -5.64 -8.05
C ILE A 21 0.47 -6.42 -6.72
N GLU A 22 0.95 -7.67 -6.75
CA GLU A 22 1.28 -8.52 -5.58
C GLU A 22 2.46 -8.00 -4.76
N GLU A 23 3.39 -7.27 -5.40
CA GLU A 23 4.50 -6.59 -4.71
C GLU A 23 4.01 -5.37 -3.95
N ALA A 24 3.11 -4.56 -4.51
CA ALA A 24 2.42 -3.48 -3.78
C ALA A 24 1.73 -4.02 -2.52
N THR A 25 0.92 -5.08 -2.66
CA THR A 25 0.22 -5.66 -1.49
C THR A 25 1.18 -6.02 -0.33
N GLU A 26 2.30 -6.67 -0.68
CA GLU A 26 3.38 -7.00 0.27
C GLU A 26 4.10 -5.77 0.80
N PHE A 27 4.35 -4.74 -0.01
CA PHE A 27 5.00 -3.50 0.41
C PHE A 27 4.12 -2.68 1.37
N TYR A 28 2.85 -2.43 1.02
CA TYR A 28 1.85 -1.79 1.90
C TYR A 28 1.85 -2.35 3.33
N GLU A 29 1.84 -3.68 3.49
CA GLU A 29 1.90 -4.33 4.81
C GLU A 29 3.29 -4.28 5.47
N ASN A 30 4.39 -4.31 4.72
CA ASN A 30 5.75 -4.20 5.25
C ASN A 30 6.18 -2.76 5.61
N ASP A 31 5.57 -1.77 4.97
CA ASP A 31 5.70 -0.36 5.33
C ASP A 31 4.77 -0.17 6.53
N VAL A 32 3.45 -0.11 6.29
CA VAL A 32 2.50 0.14 7.39
C VAL A 32 1.03 -0.34 7.13
N THR A 33 0.13 0.55 6.67
CA THR A 33 -1.33 0.41 6.56
C THR A 33 -1.90 1.21 5.38
N TYR A 34 -1.42 2.44 5.08
CA TYR A 34 -1.87 3.36 4.02
C TYR A 34 -1.22 4.77 4.12
N GLU A 35 -1.79 5.72 4.87
CA GLU A 35 -1.35 7.15 4.93
C GLU A 35 0.10 7.31 5.35
N ARG A 36 0.51 6.49 6.31
CA ARG A 36 1.91 6.35 6.72
C ARG A 36 2.84 5.98 5.54
N TYR A 37 2.51 4.99 4.69
CA TYR A 37 3.37 4.66 3.54
C TYR A 37 3.28 5.75 2.48
N LEU A 38 2.12 6.37 2.26
CA LEU A 38 1.95 7.46 1.30
C LEU A 38 2.93 8.62 1.60
N GLU A 39 2.95 9.09 2.85
CA GLU A 39 3.90 10.10 3.36
C GLU A 39 5.37 9.69 3.19
N ILE A 40 5.66 8.43 3.47
CA ILE A 40 7.02 7.86 3.30
C ILE A 40 7.42 7.80 1.81
N LEU A 41 6.54 7.37 0.90
CA LEU A 41 6.78 7.21 -0.54
C LEU A 41 6.93 8.57 -1.26
N LYS A 42 6.05 9.52 -0.99
CA LYS A 42 6.16 10.92 -1.46
C LYS A 42 7.48 11.58 -1.03
N SER A 43 7.83 11.40 0.24
CA SER A 43 9.11 11.88 0.79
C SER A 43 10.32 11.26 0.02
N LYS A 44 10.32 9.93 -0.13
CA LYS A 44 11.25 9.15 -0.98
C LYS A 44 11.12 9.43 -2.50
N GLN A 45 11.91 8.70 -3.29
CA GLN A 45 11.84 8.61 -4.77
C GLN A 45 11.04 7.38 -5.25
N LYS A 46 10.80 7.27 -6.57
CA LYS A 46 10.03 6.17 -7.19
C LYS A 46 8.64 5.92 -6.55
N GLU A 47 7.99 7.02 -6.12
CA GLU A 47 6.60 7.11 -5.63
C GLU A 47 5.55 6.54 -6.61
N ALA A 1 -13.20 -7.20 13.08
CA ALA A 1 -13.01 -8.47 12.33
C ALA A 1 -11.59 -8.56 11.75
N LEU A 2 -11.16 -9.77 11.39
CA LEU A 2 -9.88 -10.05 10.72
C LEU A 2 -10.07 -11.03 9.55
N VAL A 3 -10.05 -10.47 8.34
CA VAL A 3 -10.26 -11.15 7.05
C VAL A 3 -9.40 -10.50 5.96
N ASP A 4 -8.90 -11.27 4.99
CA ASP A 4 -8.12 -10.74 3.84
C ASP A 4 -8.85 -9.67 3.01
N GLU A 5 -10.17 -9.57 3.13
CA GLU A 5 -11.02 -8.50 2.57
C GLU A 5 -10.58 -7.08 2.95
N VAL A 6 -10.09 -6.88 4.18
CA VAL A 6 -9.55 -5.58 4.62
C VAL A 6 -8.28 -5.19 3.85
N LYS A 7 -7.41 -6.18 3.64
CA LYS A 7 -6.19 -6.01 2.84
C LYS A 7 -6.56 -5.67 1.39
N ASP A 8 -7.50 -6.38 0.75
CA ASP A 8 -8.01 -6.08 -0.61
C ASP A 8 -8.50 -4.64 -0.77
N MET A 9 -9.25 -4.14 0.19
CA MET A 9 -9.67 -2.73 0.26
C MET A 9 -8.48 -1.74 0.31
N GLU A 10 -7.49 -1.98 1.16
CA GLU A 10 -6.26 -1.16 1.23
C GLU A 10 -5.38 -1.28 -0.02
N ILE A 11 -5.30 -2.44 -0.66
CA ILE A 11 -4.60 -2.67 -1.93
C ILE A 11 -5.20 -1.82 -3.07
N ALA A 12 -6.53 -1.78 -3.17
CA ALA A 12 -7.23 -0.88 -4.10
C ALA A 12 -6.90 0.61 -3.83
N ARG A 13 -6.80 0.99 -2.56
CA ARG A 13 -6.28 2.29 -2.16
C ARG A 13 -4.87 2.55 -2.72
N LEU A 14 -3.91 1.61 -2.64
CA LEU A 14 -2.59 1.69 -3.29
C LEU A 14 -2.64 1.96 -4.80
N MET A 15 -3.54 1.31 -5.53
CA MET A 15 -3.73 1.59 -6.96
C MET A 15 -4.02 3.07 -7.26
N SER A 16 -4.76 3.75 -6.37
CA SER A 16 -5.00 5.20 -6.53
C SER A 16 -3.68 6.02 -6.63
N LEU A 17 -2.72 5.76 -5.73
CA LEU A 17 -1.40 6.40 -5.72
C LEU A 17 -0.49 5.98 -6.90
N GLY A 18 -0.59 4.74 -7.39
CA GLY A 18 0.17 4.27 -8.56
C GLY A 18 1.31 3.33 -8.18
N LEU A 19 0.98 2.09 -7.80
CA LEU A 19 1.91 1.03 -7.36
C LEU A 19 1.70 -0.29 -8.14
N SER A 20 2.56 -1.27 -7.88
CA SER A 20 2.53 -2.64 -8.45
C SER A 20 1.20 -3.41 -8.17
N ILE A 21 1.22 -4.74 -8.29
CA ILE A 21 0.11 -5.63 -7.92
C ILE A 21 0.47 -6.40 -6.64
N GLU A 22 0.85 -7.69 -6.74
CA GLU A 22 1.21 -8.58 -5.61
C GLU A 22 2.32 -7.99 -4.74
N GLU A 23 3.36 -7.41 -5.33
CA GLU A 23 4.37 -6.65 -4.57
C GLU A 23 3.81 -5.42 -3.86
N ALA A 24 3.03 -4.58 -4.57
CA ALA A 24 2.33 -3.47 -3.94
C ALA A 24 1.53 -3.92 -2.70
N THR A 25 0.85 -5.07 -2.76
CA THR A 25 0.10 -5.62 -1.63
C THR A 25 1.01 -5.96 -0.45
N GLU A 26 2.08 -6.73 -0.68
CA GLU A 26 3.07 -7.08 0.34
C GLU A 26 3.75 -5.84 0.93
N PHE A 27 4.32 -4.99 0.09
CA PHE A 27 4.87 -3.68 0.45
C PHE A 27 3.92 -2.86 1.33
N TYR A 28 2.68 -2.65 0.85
CA TYR A 28 1.61 -1.97 1.60
C TYR A 28 1.58 -2.37 3.07
N GLU A 29 1.54 -3.69 3.33
CA GLU A 29 1.46 -4.28 4.68
C GLU A 29 2.77 -4.16 5.49
N ASN A 30 3.94 -4.32 4.85
CA ASN A 30 5.29 -4.23 5.47
C ASN A 30 5.78 -2.80 5.81
N ASP A 31 5.30 -1.88 4.98
CA ASP A 31 5.40 -0.44 5.19
C ASP A 31 4.56 -0.09 6.43
N VAL A 32 3.32 -0.31 6.21
CA VAL A 32 2.14 0.09 7.10
C VAL A 32 0.71 -0.21 6.61
N THR A 33 -0.17 0.79 6.68
CA THR A 33 -1.56 0.77 6.25
C THR A 33 -1.84 1.55 4.96
N TYR A 34 -1.51 2.84 4.72
CA TYR A 34 -1.90 3.57 3.50
C TYR A 34 -1.30 5.02 3.53
N GLU A 35 -1.67 5.72 4.62
CA GLU A 35 -1.36 7.15 4.89
C GLU A 35 0.05 7.35 5.42
N ARG A 36 0.54 6.41 6.23
CA ARG A 36 1.94 6.37 6.63
C ARG A 36 2.85 6.12 5.41
N TYR A 37 2.65 5.05 4.62
CA TYR A 37 3.54 4.75 3.49
C TYR A 37 3.49 5.89 2.49
N LEU A 38 2.28 6.34 2.14
CA LEU A 38 2.09 7.50 1.27
C LEU A 38 2.99 8.68 1.65
N GLU A 39 3.07 8.96 2.96
CA GLU A 39 3.93 10.04 3.50
C GLU A 39 5.43 9.75 3.36
N ILE A 40 5.86 8.51 3.61
CA ILE A 40 7.27 8.08 3.56
C ILE A 40 7.78 8.03 2.10
N LEU A 41 7.02 7.38 1.20
CA LEU A 41 7.22 7.33 -0.25
C LEU A 41 7.21 8.74 -0.88
N LYS A 42 6.23 9.56 -0.48
CA LYS A 42 6.20 10.98 -0.90
C LYS A 42 7.51 11.72 -0.57
N SER A 43 8.16 11.34 0.53
CA SER A 43 9.51 11.83 0.86
C SER A 43 10.59 11.21 -0.07
N LYS A 44 10.57 9.89 -0.27
CA LYS A 44 11.47 9.13 -1.15
C LYS A 44 10.75 8.01 -1.94
N GLN A 45 10.48 8.25 -3.23
CA GLN A 45 9.95 7.25 -4.17
C GLN A 45 11.08 6.34 -4.69
N LYS A 46 10.98 5.03 -4.42
CA LYS A 46 11.93 3.97 -4.80
C LYS A 46 13.38 4.20 -4.29
N GLU A 47 13.73 3.55 -3.17
CA GLU A 47 15.04 3.67 -2.48
C GLU A 47 15.67 2.29 -2.26
N ALA A 1 -6.75 -13.28 12.66
CA ALA A 1 -7.82 -13.54 11.67
C ALA A 1 -8.15 -12.30 10.82
N LEU A 2 -7.14 -11.61 10.28
CA LEU A 2 -7.33 -10.43 9.41
C LEU A 2 -8.15 -10.78 8.15
N VAL A 3 -9.36 -10.21 8.04
CA VAL A 3 -10.29 -10.45 6.93
C VAL A 3 -9.64 -10.05 5.60
N ASP A 4 -9.59 -10.96 4.63
CA ASP A 4 -9.04 -10.69 3.28
C ASP A 4 -9.71 -9.51 2.57
N GLU A 5 -11.00 -9.26 2.84
CA GLU A 5 -11.76 -8.08 2.37
C GLU A 5 -11.15 -6.74 2.78
N VAL A 6 -10.62 -6.64 4.00
CA VAL A 6 -9.83 -5.47 4.45
C VAL A 6 -8.57 -5.36 3.61
N LYS A 7 -7.81 -6.45 3.45
CA LYS A 7 -6.61 -6.45 2.62
C LYS A 7 -6.92 -5.93 1.20
N ASP A 8 -7.93 -6.46 0.51
CA ASP A 8 -8.34 -6.01 -0.84
C ASP A 8 -8.67 -4.51 -0.91
N MET A 9 -9.47 -3.96 0.01
CA MET A 9 -9.75 -2.51 0.07
C MET A 9 -8.49 -1.62 0.25
N GLU A 10 -7.66 -2.04 1.21
CA GLU A 10 -6.39 -1.39 1.54
C GLU A 10 -5.39 -1.45 0.37
N ILE A 11 -5.41 -2.55 -0.38
CA ILE A 11 -4.65 -2.76 -1.63
C ILE A 11 -5.19 -1.87 -2.76
N ALA A 12 -6.50 -1.75 -2.94
CA ALA A 12 -7.12 -0.88 -3.94
C ALA A 12 -6.75 0.60 -3.71
N ARG A 13 -6.68 0.99 -2.44
CA ARG A 13 -6.14 2.28 -2.02
C ARG A 13 -4.71 2.52 -2.56
N LEU A 14 -3.86 1.50 -2.58
CA LEU A 14 -2.51 1.57 -3.17
C LEU A 14 -2.50 1.93 -4.65
N MET A 15 -3.37 1.28 -5.44
CA MET A 15 -3.53 1.58 -6.87
C MET A 15 -3.86 3.06 -7.14
N SER A 16 -4.62 3.70 -6.24
CA SER A 16 -4.93 5.15 -6.29
C SER A 16 -3.67 6.07 -6.23
N LEU A 17 -2.64 5.67 -5.48
CA LEU A 17 -1.33 6.35 -5.47
C LEU A 17 -0.43 5.99 -6.68
N GLY A 18 -0.55 4.76 -7.20
CA GLY A 18 0.30 4.25 -8.27
C GLY A 18 1.42 3.36 -7.70
N LEU A 19 1.18 2.04 -7.73
CA LEU A 19 2.13 0.99 -7.35
C LEU A 19 1.93 -0.29 -8.21
N SER A 20 2.76 -1.32 -7.99
CA SER A 20 2.66 -2.67 -8.58
C SER A 20 1.39 -3.45 -8.17
N ILE A 21 1.32 -4.72 -8.56
CA ILE A 21 0.34 -5.71 -8.08
C ILE A 21 0.80 -6.34 -6.74
N GLU A 22 1.06 -7.66 -6.67
CA GLU A 22 1.41 -8.43 -5.46
C GLU A 22 2.51 -7.81 -4.63
N GLU A 23 3.57 -7.32 -5.29
CA GLU A 23 4.68 -6.61 -4.61
C GLU A 23 4.21 -5.33 -3.92
N ALA A 24 3.33 -4.53 -4.55
CA ALA A 24 2.68 -3.41 -3.87
C ALA A 24 1.88 -3.86 -2.64
N THR A 25 1.14 -4.97 -2.71
CA THR A 25 0.34 -5.44 -1.57
C THR A 25 1.23 -5.81 -0.37
N GLU A 26 2.23 -6.66 -0.59
CA GLU A 26 3.21 -7.04 0.43
C GLU A 26 3.98 -5.85 0.99
N PHE A 27 4.37 -4.90 0.13
CA PHE A 27 5.05 -3.66 0.50
C PHE A 27 4.16 -2.77 1.38
N TYR A 28 2.89 -2.58 0.99
CA TYR A 28 1.87 -1.85 1.76
C TYR A 28 1.85 -2.29 3.22
N GLU A 29 1.68 -3.60 3.48
CA GLU A 29 1.67 -4.18 4.84
C GLU A 29 3.03 -4.09 5.55
N ASN A 30 4.12 -4.41 4.85
CA ASN A 30 5.49 -4.36 5.37
C ASN A 30 6.00 -2.94 5.73
N ASP A 31 5.47 -1.94 5.04
CA ASP A 31 5.71 -0.53 5.33
C ASP A 31 4.79 -0.16 6.53
N VAL A 32 3.50 -0.19 6.26
CA VAL A 32 2.42 0.13 7.24
C VAL A 32 0.98 -0.26 6.82
N THR A 33 0.04 0.70 6.79
CA THR A 33 -1.39 0.53 6.53
C THR A 33 -1.97 1.34 5.37
N TYR A 34 -1.50 2.56 5.11
CA TYR A 34 -1.92 3.49 4.04
C TYR A 34 -1.22 4.86 4.25
N GLU A 35 -1.72 5.68 5.18
CA GLU A 35 -1.28 7.09 5.37
C GLU A 35 0.20 7.23 5.70
N ARG A 36 0.75 6.33 6.50
CA ARG A 36 2.19 6.31 6.79
C ARG A 36 3.03 6.03 5.52
N TYR A 37 2.69 5.00 4.72
CA TYR A 37 3.51 4.63 3.56
C TYR A 37 3.41 5.70 2.48
N LEU A 38 2.22 6.27 2.26
CA LEU A 38 2.00 7.42 1.38
C LEU A 38 3.02 8.52 1.71
N GLU A 39 3.02 8.95 2.97
CA GLU A 39 3.92 10.00 3.50
C GLU A 39 5.41 9.70 3.20
N ILE A 40 5.82 8.43 3.28
CA ILE A 40 7.19 7.95 3.00
C ILE A 40 7.50 7.81 1.49
N LEU A 41 6.54 7.40 0.67
CA LEU A 41 6.67 7.26 -0.79
C LEU A 41 6.72 8.63 -1.49
N LYS A 42 5.83 9.55 -1.10
CA LYS A 42 5.84 10.98 -1.48
C LYS A 42 7.14 11.70 -1.05
N SER A 43 7.71 11.27 0.08
CA SER A 43 9.06 11.69 0.50
C SER A 43 10.12 11.23 -0.53
N LYS A 44 10.06 9.96 -0.93
CA LYS A 44 10.83 9.34 -2.04
C LYS A 44 12.35 9.28 -1.78
N GLN A 45 12.81 8.17 -1.21
CA GLN A 45 14.21 8.04 -0.73
C GLN A 45 14.79 6.61 -0.83
N LYS A 46 14.20 5.77 -1.67
CA LYS A 46 14.48 4.32 -1.81
C LYS A 46 14.09 3.51 -0.56
N GLU A 47 13.83 2.20 -0.72
CA GLU A 47 13.32 1.28 0.33
C GLU A 47 13.78 -0.16 0.07
N ALA A 1 -16.30 -15.87 1.10
CA ALA A 1 -16.70 -14.52 0.60
C ALA A 1 -15.83 -13.43 1.24
N LEU A 2 -16.06 -13.07 2.50
CA LEU A 2 -15.20 -12.15 3.28
C LEU A 2 -13.85 -12.81 3.65
N VAL A 3 -12.85 -12.69 2.77
CA VAL A 3 -11.47 -13.15 2.98
C VAL A 3 -10.49 -12.06 2.55
N ASP A 4 -9.55 -11.72 3.45
CA ASP A 4 -8.59 -10.61 3.31
C ASP A 4 -9.22 -9.28 2.88
N GLU A 5 -10.48 -9.02 3.26
CA GLU A 5 -11.29 -7.86 2.79
C GLU A 5 -10.64 -6.52 3.13
N VAL A 6 -10.06 -6.42 4.32
CA VAL A 6 -9.23 -5.27 4.75
C VAL A 6 -8.01 -5.08 3.87
N LYS A 7 -7.26 -6.16 3.58
CA LYS A 7 -6.12 -6.09 2.67
C LYS A 7 -6.53 -5.66 1.26
N ASP A 8 -7.53 -6.28 0.61
CA ASP A 8 -8.06 -5.88 -0.71
C ASP A 8 -8.43 -4.38 -0.78
N MET A 9 -9.23 -3.95 0.19
CA MET A 9 -9.66 -2.55 0.29
C MET A 9 -8.47 -1.57 0.44
N GLU A 10 -7.46 -1.95 1.22
CA GLU A 10 -6.20 -1.21 1.33
C GLU A 10 -5.34 -1.30 0.07
N ILE A 11 -5.26 -2.40 -0.66
CA ILE A 11 -4.50 -2.52 -1.92
C ILE A 11 -5.12 -1.66 -3.03
N ALA A 12 -6.45 -1.64 -3.14
CA ALA A 12 -7.17 -0.70 -4.01
C ALA A 12 -6.74 0.76 -3.77
N ARG A 13 -6.48 1.12 -2.50
CA ARG A 13 -5.84 2.39 -2.12
C ARG A 13 -4.40 2.57 -2.69
N LEU A 14 -3.57 1.52 -2.80
CA LEU A 14 -2.28 1.53 -3.51
C LEU A 14 -2.42 1.82 -5.01
N MET A 15 -3.30 1.11 -5.74
CA MET A 15 -3.65 1.42 -7.13
C MET A 15 -3.99 2.90 -7.37
N SER A 16 -4.79 3.48 -6.47
CA SER A 16 -5.10 4.92 -6.49
C SER A 16 -3.84 5.81 -6.47
N LEU A 17 -2.83 5.46 -5.66
CA LEU A 17 -1.52 6.12 -5.66
C LEU A 17 -0.60 5.77 -6.85
N GLY A 18 -0.77 4.66 -7.58
CA GLY A 18 0.02 4.36 -8.79
C GLY A 18 1.13 3.34 -8.47
N LEU A 19 0.78 2.09 -8.12
CA LEU A 19 1.69 1.08 -7.57
C LEU A 19 1.44 -0.33 -8.21
N SER A 20 2.25 -1.29 -7.77
CA SER A 20 2.29 -2.70 -8.21
C SER A 20 0.97 -3.47 -7.89
N ILE A 21 0.99 -4.82 -7.86
CA ILE A 21 -0.21 -5.64 -7.54
C ILE A 21 0.07 -6.57 -6.35
N GLU A 22 0.67 -7.74 -6.58
CA GLU A 22 1.06 -8.69 -5.52
C GLU A 22 2.29 -8.20 -4.74
N GLU A 23 3.16 -7.48 -5.45
CA GLU A 23 4.33 -6.79 -4.86
C GLU A 23 3.90 -5.58 -4.04
N ALA A 24 3.01 -4.70 -4.53
CA ALA A 24 2.40 -3.66 -3.71
C ALA A 24 1.70 -4.20 -2.47
N THR A 25 0.87 -5.25 -2.57
CA THR A 25 0.25 -5.86 -1.39
C THR A 25 1.25 -6.18 -0.26
N GLU A 26 2.40 -6.74 -0.63
CA GLU A 26 3.50 -6.97 0.32
C GLU A 26 4.22 -5.70 0.72
N PHE A 27 4.34 -4.70 -0.15
CA PHE A 27 4.98 -3.42 0.21
C PHE A 27 4.11 -2.69 1.23
N TYR A 28 2.86 -2.34 0.91
CA TYR A 28 1.84 -1.83 1.84
C TYR A 28 1.86 -2.44 3.25
N GLU A 29 1.63 -3.76 3.37
CA GLU A 29 1.64 -4.43 4.69
C GLU A 29 2.96 -4.37 5.48
N ASN A 30 4.10 -4.32 4.80
CA ASN A 30 5.43 -4.19 5.44
C ASN A 30 5.73 -2.72 5.84
N ASP A 31 5.48 -1.84 4.87
CA ASP A 31 5.48 -0.38 4.99
C ASP A 31 4.62 0.02 6.19
N VAL A 32 3.29 -0.14 6.18
CA VAL A 32 2.44 0.17 7.36
C VAL A 32 0.93 -0.19 7.28
N THR A 33 0.14 0.56 6.49
CA THR A 33 -1.34 0.58 6.41
C THR A 33 -1.81 1.33 5.15
N TYR A 34 -1.49 2.62 4.88
CA TYR A 34 -1.70 3.32 3.59
C TYR A 34 -1.24 4.81 3.69
N GLU A 35 -1.83 5.46 4.69
CA GLU A 35 -1.61 6.89 5.04
C GLU A 35 -0.17 7.15 5.47
N ARG A 36 0.40 6.22 6.25
CA ARG A 36 1.81 6.31 6.65
C ARG A 36 2.76 6.07 5.45
N TYR A 37 2.58 5.04 4.59
CA TYR A 37 3.50 4.84 3.44
C TYR A 37 3.37 5.97 2.42
N LEU A 38 2.13 6.38 2.09
CA LEU A 38 1.90 7.57 1.26
C LEU A 38 2.79 8.74 1.71
N GLU A 39 2.89 8.91 3.04
CA GLU A 39 3.85 9.87 3.61
C GLU A 39 5.33 9.57 3.31
N ILE A 40 5.82 8.33 3.46
CA ILE A 40 7.23 7.97 3.31
C ILE A 40 7.66 7.92 1.81
N LEU A 41 6.90 7.28 0.93
CA LEU A 41 7.08 7.29 -0.55
C LEU A 41 7.12 8.73 -1.08
N LYS A 42 6.03 9.46 -0.79
CA LYS A 42 5.91 10.87 -1.20
C LYS A 42 7.08 11.74 -0.63
N SER A 43 7.77 11.27 0.43
CA SER A 43 9.05 11.85 0.89
C SER A 43 10.29 11.35 0.12
N LYS A 44 10.35 10.07 -0.27
CA LYS A 44 11.41 9.37 -1.01
C LYS A 44 12.78 9.27 -0.29
N GLN A 45 13.08 8.09 0.29
CA GLN A 45 14.31 7.79 1.04
C GLN A 45 14.90 6.39 0.76
N LYS A 46 14.14 5.31 0.94
CA LYS A 46 14.62 3.96 0.60
C LYS A 46 14.77 3.78 -0.93
N GLU A 47 15.97 3.37 -1.38
CA GLU A 47 16.38 3.17 -2.79
C GLU A 47 17.42 2.06 -2.90
N ALA A 1 -12.08 -9.77 9.13
CA ALA A 1 -11.40 -10.84 9.90
C ALA A 1 -11.15 -12.08 9.02
N LEU A 2 -12.19 -12.83 8.63
CA LEU A 2 -12.05 -14.02 7.77
C LEU A 2 -11.84 -13.66 6.28
N VAL A 3 -12.74 -12.88 5.68
CA VAL A 3 -12.57 -12.36 4.31
C VAL A 3 -11.43 -11.34 4.32
N ASP A 4 -10.54 -11.42 3.32
CA ASP A 4 -9.49 -10.45 3.00
C ASP A 4 -10.00 -9.05 2.58
N GLU A 5 -11.28 -8.71 2.78
CA GLU A 5 -11.92 -7.41 2.42
C GLU A 5 -11.17 -6.18 2.93
N VAL A 6 -10.63 -6.23 4.14
CA VAL A 6 -9.72 -5.18 4.69
C VAL A 6 -8.47 -5.06 3.83
N LYS A 7 -7.78 -6.18 3.58
CA LYS A 7 -6.55 -6.20 2.80
C LYS A 7 -6.79 -5.68 1.37
N ASP A 8 -7.86 -6.13 0.71
CA ASP A 8 -8.30 -5.70 -0.63
C ASP A 8 -8.57 -4.18 -0.69
N MET A 9 -9.28 -3.62 0.29
CA MET A 9 -9.50 -2.16 0.41
C MET A 9 -8.18 -1.36 0.51
N GLU A 10 -7.23 -1.80 1.34
CA GLU A 10 -5.93 -1.12 1.47
C GLU A 10 -5.08 -1.29 0.20
N ILE A 11 -5.05 -2.49 -0.37
CA ILE A 11 -4.47 -2.78 -1.69
C ILE A 11 -5.04 -1.85 -2.81
N ALA A 12 -6.34 -1.55 -2.77
CA ALA A 12 -7.00 -0.63 -3.69
C ALA A 12 -6.57 0.85 -3.48
N ARG A 13 -6.24 1.23 -2.24
CA ARG A 13 -5.61 2.53 -1.94
C ARG A 13 -4.21 2.68 -2.60
N LEU A 14 -3.48 1.59 -2.78
CA LEU A 14 -2.14 1.56 -3.42
C LEU A 14 -2.23 1.88 -4.91
N MET A 15 -3.17 1.19 -5.54
CA MET A 15 -3.54 1.41 -6.94
C MET A 15 -3.84 2.91 -7.18
N SER A 16 -4.62 3.53 -6.29
CA SER A 16 -4.91 4.98 -6.31
C SER A 16 -3.72 5.96 -6.13
N LEU A 17 -2.56 5.52 -5.65
CA LEU A 17 -1.31 6.32 -5.65
C LEU A 17 -0.41 5.97 -6.86
N GLY A 18 -0.40 4.69 -7.25
CA GLY A 18 0.50 4.11 -8.26
C GLY A 18 1.51 3.16 -7.60
N LEU A 19 1.21 1.85 -7.62
CA LEU A 19 2.10 0.76 -7.19
C LEU A 19 1.95 -0.51 -8.08
N SER A 20 2.72 -1.58 -7.82
CA SER A 20 2.78 -2.85 -8.57
C SER A 20 1.53 -3.77 -8.36
N ILE A 21 1.66 -5.09 -8.52
CA ILE A 21 0.60 -6.08 -8.25
C ILE A 21 0.82 -6.84 -6.92
N GLU A 22 1.31 -8.10 -6.87
CA GLU A 22 1.41 -8.84 -5.58
C GLU A 22 2.44 -8.16 -4.70
N GLU A 23 3.60 -7.81 -5.26
CA GLU A 23 4.58 -6.91 -4.62
C GLU A 23 4.08 -5.58 -4.08
N ALA A 24 3.14 -4.89 -4.73
CA ALA A 24 2.54 -3.74 -4.05
C ALA A 24 1.77 -4.14 -2.78
N THR A 25 1.12 -5.31 -2.76
CA THR A 25 0.32 -5.72 -1.59
C THR A 25 1.26 -6.01 -0.42
N GLU A 26 2.20 -6.95 -0.59
CA GLU A 26 3.33 -7.21 0.34
C GLU A 26 4.23 -6.01 0.62
N PHE A 27 4.21 -4.99 -0.23
CA PHE A 27 4.93 -3.75 0.10
C PHE A 27 4.09 -2.84 0.98
N TYR A 28 2.76 -2.85 0.88
CA TYR A 28 1.88 -2.01 1.68
C TYR A 28 1.91 -2.41 3.15
N GLU A 29 1.68 -3.71 3.44
CA GLU A 29 1.75 -4.26 4.80
C GLU A 29 3.18 -4.20 5.36
N ASN A 30 4.18 -4.65 4.60
CA ASN A 30 5.56 -4.54 5.10
C ASN A 30 5.93 -3.08 5.43
N ASP A 31 5.51 -2.11 4.60
CA ASP A 31 5.71 -0.70 4.91
C ASP A 31 4.91 -0.22 6.13
N VAL A 32 3.58 -0.43 6.29
CA VAL A 32 2.76 0.05 7.43
C VAL A 32 1.28 -0.42 7.19
N THR A 33 0.38 0.48 6.74
CA THR A 33 -1.06 0.30 6.47
C THR A 33 -1.48 1.23 5.30
N TYR A 34 -1.53 2.55 5.53
CA TYR A 34 -1.81 3.51 4.45
C TYR A 34 -1.25 4.92 4.57
N GLU A 35 -1.69 5.70 5.56
CA GLU A 35 -1.33 7.13 5.62
C GLU A 35 0.17 7.32 5.83
N ARG A 36 0.84 6.46 6.61
CA ARG A 36 2.31 6.44 6.68
C ARG A 36 3.00 6.15 5.34
N TYR A 37 2.77 5.00 4.68
CA TYR A 37 3.48 4.71 3.41
C TYR A 37 3.16 5.76 2.34
N LEU A 38 1.95 6.31 2.38
CA LEU A 38 1.60 7.46 1.55
C LEU A 38 2.55 8.64 1.82
N GLU A 39 2.75 9.04 3.09
CA GLU A 39 3.72 10.10 3.46
C GLU A 39 5.15 9.77 3.07
N ILE A 40 5.66 8.61 3.49
CA ILE A 40 7.04 8.16 3.20
C ILE A 40 7.32 8.14 1.68
N LEU A 41 6.51 7.43 0.88
CA LEU A 41 6.65 7.27 -0.57
C LEU A 41 6.43 8.59 -1.36
N LYS A 42 5.55 9.46 -0.86
CA LYS A 42 5.34 10.80 -1.45
C LYS A 42 6.53 11.74 -1.18
N SER A 43 7.18 11.63 -0.02
CA SER A 43 8.39 12.40 0.32
C SER A 43 9.62 11.96 -0.51
N LYS A 44 9.87 10.64 -0.59
CA LYS A 44 10.98 9.99 -1.30
C LYS A 44 10.77 8.45 -1.36
N GLN A 45 11.76 7.67 -1.80
CA GLN A 45 11.75 6.19 -1.86
C GLN A 45 10.79 5.64 -2.96
N LYS A 46 11.22 4.59 -3.66
CA LYS A 46 10.55 4.05 -4.87
C LYS A 46 10.47 5.08 -6.03
N GLU A 47 10.27 4.61 -7.28
CA GLU A 47 10.22 5.46 -8.49
C GLU A 47 8.84 6.11 -8.72
N ALA A 1 -8.72 -11.40 15.51
CA ALA A 1 -9.61 -12.08 14.54
C ALA A 1 -8.87 -12.34 13.21
N LEU A 2 -9.46 -13.12 12.31
CA LEU A 2 -8.94 -13.35 10.94
C LEU A 2 -9.83 -12.66 9.89
N VAL A 3 -9.21 -11.90 8.99
CA VAL A 3 -9.87 -11.09 7.93
C VAL A 3 -9.02 -11.00 6.66
N ASP A 4 -9.63 -10.56 5.56
CA ASP A 4 -8.99 -10.35 4.25
C ASP A 4 -9.62 -9.22 3.40
N GLU A 5 -10.88 -8.87 3.65
CA GLU A 5 -11.57 -7.75 2.97
C GLU A 5 -10.90 -6.40 3.22
N VAL A 6 -10.36 -6.20 4.44
CA VAL A 6 -9.57 -5.01 4.79
C VAL A 6 -8.33 -4.89 3.90
N LYS A 7 -7.64 -6.02 3.66
CA LYS A 7 -6.44 -6.09 2.83
C LYS A 7 -6.76 -5.68 1.39
N ASP A 8 -7.80 -6.25 0.77
CA ASP A 8 -8.24 -5.92 -0.60
C ASP A 8 -8.53 -4.42 -0.81
N MET A 9 -9.34 -3.82 0.07
CA MET A 9 -9.62 -2.36 0.05
C MET A 9 -8.35 -1.50 0.18
N GLU A 10 -7.46 -1.96 1.05
CA GLU A 10 -6.12 -1.41 1.23
C GLU A 10 -5.26 -1.50 -0.03
N ILE A 11 -5.30 -2.59 -0.80
CA ILE A 11 -4.59 -2.70 -2.10
C ILE A 11 -5.18 -1.71 -3.12
N ALA A 12 -6.51 -1.56 -3.18
CA ALA A 12 -7.16 -0.57 -4.04
C ALA A 12 -6.63 0.87 -3.82
N ARG A 13 -6.33 1.22 -2.55
CA ARG A 13 -5.64 2.45 -2.19
C ARG A 13 -4.22 2.57 -2.78
N LEU A 14 -3.43 1.48 -2.86
CA LEU A 14 -2.14 1.47 -3.57
C LEU A 14 -2.27 1.75 -5.07
N MET A 15 -3.24 1.18 -5.78
CA MET A 15 -3.50 1.51 -7.18
C MET A 15 -3.84 3.01 -7.39
N SER A 16 -4.58 3.63 -6.47
CA SER A 16 -4.90 5.07 -6.54
C SER A 16 -3.64 5.96 -6.53
N LEU A 17 -2.66 5.63 -5.70
CA LEU A 17 -1.35 6.32 -5.67
C LEU A 17 -0.40 5.93 -6.84
N GLY A 18 -0.52 4.71 -7.38
CA GLY A 18 0.32 4.21 -8.49
C GLY A 18 1.43 3.31 -7.96
N LEU A 19 1.16 2.01 -7.93
CA LEU A 19 2.07 0.94 -7.45
C LEU A 19 1.84 -0.38 -8.26
N SER A 20 2.62 -1.44 -7.99
CA SER A 20 2.47 -2.79 -8.59
C SER A 20 1.16 -3.51 -8.20
N ILE A 21 1.06 -4.83 -8.40
CA ILE A 21 -0.05 -5.67 -7.88
C ILE A 21 0.45 -6.52 -6.69
N GLU A 22 0.85 -7.79 -6.88
CA GLU A 22 1.29 -8.68 -5.77
C GLU A 22 2.48 -8.13 -4.95
N GLU A 23 3.48 -7.56 -5.62
CA GLU A 23 4.61 -6.87 -4.94
C GLU A 23 4.13 -5.67 -4.15
N ALA A 24 3.21 -4.88 -4.70
CA ALA A 24 2.56 -3.78 -3.99
C ALA A 24 1.85 -4.24 -2.72
N THR A 25 1.09 -5.35 -2.73
CA THR A 25 0.51 -5.92 -1.50
C THR A 25 1.56 -6.11 -0.40
N GLU A 26 2.60 -6.89 -0.68
CA GLU A 26 3.73 -7.03 0.26
C GLU A 26 4.28 -5.68 0.73
N PHE A 27 4.58 -4.74 -0.18
CA PHE A 27 5.10 -3.41 0.17
C PHE A 27 4.18 -2.62 1.13
N TYR A 28 2.89 -2.53 0.82
CA TYR A 28 1.85 -1.90 1.64
C TYR A 28 1.90 -2.38 3.09
N GLU A 29 1.77 -3.70 3.32
CA GLU A 29 1.81 -4.31 4.67
C GLU A 29 3.17 -4.16 5.38
N ASN A 30 4.24 -4.29 4.61
CA ASN A 30 5.63 -4.20 5.09
C ASN A 30 6.07 -2.77 5.47
N ASP A 31 5.44 -1.74 4.89
CA ASP A 31 5.61 -0.33 5.29
C ASP A 31 4.71 -0.04 6.50
N VAL A 32 3.42 -0.39 6.32
CA VAL A 32 2.26 -0.10 7.20
C VAL A 32 0.86 -0.56 6.70
N THR A 33 -0.09 0.38 6.56
CA THR A 33 -1.51 0.18 6.28
C THR A 33 -2.01 1.08 5.13
N TYR A 34 -1.52 2.32 4.94
CA TYR A 34 -1.91 3.27 3.88
C TYR A 34 -1.32 4.68 4.10
N GLU A 35 -1.96 5.55 4.92
CA GLU A 35 -1.57 6.98 5.06
C GLU A 35 -0.13 7.18 5.53
N ARG A 36 0.33 6.28 6.40
CA ARG A 36 1.74 6.18 6.80
C ARG A 36 2.67 5.93 5.58
N TYR A 37 2.42 4.90 4.75
CA TYR A 37 3.28 4.61 3.59
C TYR A 37 3.22 5.74 2.57
N LEU A 38 2.03 6.31 2.31
CA LEU A 38 1.87 7.47 1.44
C LEU A 38 2.80 8.62 1.88
N GLU A 39 2.82 8.93 3.17
CA GLU A 39 3.74 9.94 3.76
C GLU A 39 5.22 9.60 3.52
N ILE A 40 5.61 8.34 3.68
CA ILE A 40 7.00 7.87 3.49
C ILE A 40 7.42 7.84 1.99
N LEU A 41 6.53 7.44 1.09
CA LEU A 41 6.71 7.39 -0.37
C LEU A 41 6.76 8.81 -0.97
N LYS A 42 5.87 9.71 -0.54
CA LYS A 42 5.90 11.13 -0.94
C LYS A 42 7.24 11.82 -0.57
N SER A 43 7.79 11.42 0.58
CA SER A 43 9.15 11.77 1.00
C SER A 43 10.19 11.21 -0.01
N LYS A 44 10.25 9.88 -0.20
CA LYS A 44 11.05 9.24 -1.25
C LYS A 44 10.48 9.34 -2.69
N GLN A 45 10.71 10.47 -3.36
CA GLN A 45 10.44 10.64 -4.82
C GLN A 45 11.41 9.85 -5.74
N LYS A 46 11.96 8.72 -5.27
CA LYS A 46 12.91 7.86 -5.99
C LYS A 46 12.34 7.26 -7.30
N GLU A 47 11.03 6.99 -7.33
CA GLU A 47 10.27 6.40 -8.45
C GLU A 47 8.97 7.16 -8.69
N ALA A 1 -4.16 -13.46 8.01
CA ALA A 1 -5.14 -14.58 7.94
C ALA A 1 -6.52 -14.09 8.39
N LEU A 2 -7.57 -14.48 7.66
CA LEU A 2 -8.93 -13.91 7.77
C LEU A 2 -8.96 -12.37 7.57
N VAL A 3 -10.15 -11.77 7.60
CA VAL A 3 -10.42 -10.33 7.33
C VAL A 3 -9.73 -9.77 6.06
N ASP A 4 -9.43 -10.65 5.09
CA ASP A 4 -8.72 -10.31 3.83
C ASP A 4 -9.48 -9.31 2.94
N GLU A 5 -10.77 -9.08 3.21
CA GLU A 5 -11.61 -8.02 2.63
C GLU A 5 -11.10 -6.61 2.95
N VAL A 6 -10.57 -6.39 4.16
CA VAL A 6 -9.87 -5.14 4.51
C VAL A 6 -8.58 -4.98 3.71
N LYS A 7 -7.83 -6.08 3.53
CA LYS A 7 -6.57 -6.11 2.79
C LYS A 7 -6.80 -5.68 1.33
N ASP A 8 -7.77 -6.29 0.64
CA ASP A 8 -8.16 -5.98 -0.75
C ASP A 8 -8.56 -4.51 -0.96
N MET A 9 -9.33 -3.96 -0.02
CA MET A 9 -9.71 -2.54 -0.05
C MET A 9 -8.52 -1.58 0.13
N GLU A 10 -7.62 -1.84 1.09
CA GLU A 10 -6.33 -1.12 1.23
C GLU A 10 -5.41 -1.27 0.02
N ILE A 11 -5.37 -2.43 -0.64
CA ILE A 11 -4.62 -2.66 -1.88
C ILE A 11 -5.11 -1.74 -3.04
N ALA A 12 -6.43 -1.63 -3.21
CA ALA A 12 -7.04 -0.69 -4.17
C ALA A 12 -6.61 0.78 -3.92
N ARG A 13 -6.43 1.16 -2.65
CA ARG A 13 -5.84 2.44 -2.25
C ARG A 13 -4.38 2.63 -2.71
N LEU A 14 -3.59 1.56 -2.81
CA LEU A 14 -2.21 1.59 -3.35
C LEU A 14 -2.20 1.90 -4.86
N MET A 15 -3.10 1.27 -5.62
CA MET A 15 -3.33 1.59 -7.03
C MET A 15 -3.64 3.09 -7.27
N SER A 16 -4.30 3.77 -6.33
CA SER A 16 -4.42 5.24 -6.39
C SER A 16 -3.07 5.98 -6.24
N LEU A 17 -2.27 5.69 -5.21
CA LEU A 17 -0.89 6.22 -5.09
C LEU A 17 0.01 5.90 -6.30
N GLY A 18 -0.07 4.69 -6.86
CA GLY A 18 0.63 4.25 -8.07
C GLY A 18 1.75 3.23 -7.83
N LEU A 19 1.55 2.12 -7.10
CA LEU A 19 2.52 1.04 -6.91
C LEU A 19 2.42 -0.04 -8.02
N SER A 20 2.71 -1.30 -7.72
CA SER A 20 2.78 -2.44 -8.67
C SER A 20 1.46 -3.28 -8.67
N ILE A 21 1.55 -4.60 -8.41
CA ILE A 21 0.40 -5.52 -8.18
C ILE A 21 0.59 -6.41 -6.92
N GLU A 22 0.97 -7.69 -6.97
CA GLU A 22 1.11 -8.58 -5.75
C GLU A 22 2.27 -8.15 -4.87
N GLU A 23 3.35 -7.68 -5.51
CA GLU A 23 4.48 -7.03 -4.84
C GLU A 23 4.03 -5.76 -4.11
N ALA A 24 3.07 -5.02 -4.67
CA ALA A 24 2.46 -3.87 -4.00
C ALA A 24 1.72 -4.29 -2.73
N THR A 25 0.95 -5.38 -2.75
CA THR A 25 0.16 -5.82 -1.58
C THR A 25 1.07 -6.20 -0.39
N GLU A 26 2.11 -7.00 -0.63
CA GLU A 26 3.12 -7.36 0.38
C GLU A 26 3.93 -6.16 0.87
N PHE A 27 4.29 -5.25 -0.03
CA PHE A 27 4.98 -4.01 0.32
C PHE A 27 4.14 -3.16 1.27
N TYR A 28 2.86 -2.95 0.92
CA TYR A 28 1.89 -2.19 1.70
C TYR A 28 1.80 -2.66 3.15
N GLU A 29 1.60 -3.97 3.37
CA GLU A 29 1.40 -4.56 4.70
C GLU A 29 2.64 -4.50 5.60
N ASN A 30 3.84 -4.75 5.05
CA ASN A 30 5.10 -4.48 5.76
C ASN A 30 5.20 -2.98 6.10
N ASP A 31 5.20 -2.21 5.00
CA ASP A 31 5.51 -0.77 5.02
C ASP A 31 4.69 -0.12 6.15
N VAL A 32 3.36 -0.31 6.19
CA VAL A 32 2.43 0.04 7.32
C VAL A 32 0.91 -0.23 6.98
N THR A 33 -0.03 0.67 7.34
CA THR A 33 -1.46 0.66 6.99
C THR A 33 -1.72 1.32 5.63
N TYR A 34 -1.33 2.55 5.27
CA TYR A 34 -1.60 3.18 3.95
C TYR A 34 -1.12 4.68 4.01
N GLU A 35 -1.50 5.35 5.13
CA GLU A 35 -1.18 6.74 5.51
C GLU A 35 0.28 7.00 5.90
N ARG A 36 0.96 6.08 6.60
CA ARG A 36 2.38 6.25 6.95
C ARG A 36 3.28 6.08 5.70
N TYR A 37 3.09 5.02 4.90
CA TYR A 37 3.83 4.83 3.64
C TYR A 37 3.49 5.93 2.63
N LEU A 38 2.21 6.27 2.51
CA LEU A 38 1.78 7.40 1.65
C LEU A 38 2.64 8.64 1.98
N GLU A 39 2.95 8.89 3.26
CA GLU A 39 3.82 10.01 3.66
C GLU A 39 5.28 9.80 3.26
N ILE A 40 5.84 8.60 3.41
CA ILE A 40 7.25 8.29 3.06
C ILE A 40 7.49 8.28 1.54
N LEU A 41 6.73 7.49 0.77
CA LEU A 41 6.79 7.38 -0.70
C LEU A 41 6.53 8.74 -1.40
N LYS A 42 5.51 9.45 -0.91
CA LYS A 42 5.20 10.84 -1.34
C LYS A 42 6.41 11.80 -1.12
N SER A 43 7.23 11.57 -0.09
CA SER A 43 8.50 12.30 0.12
C SER A 43 9.66 11.82 -0.80
N LYS A 44 9.71 10.52 -1.07
CA LYS A 44 10.56 9.86 -2.09
C LYS A 44 10.05 10.15 -3.53
N GLN A 45 10.60 9.45 -4.53
CA GLN A 45 10.18 9.54 -5.94
C GLN A 45 10.32 8.18 -6.66
N LYS A 46 9.39 7.86 -7.56
CA LYS A 46 9.37 6.60 -8.32
C LYS A 46 10.47 6.60 -9.42
N GLU A 47 11.61 5.97 -9.11
CA GLU A 47 12.83 5.85 -9.95
C GLU A 47 12.57 5.24 -11.33
N ALA A 1 -0.76 -8.63 8.65
CA ALA A 1 -1.95 -9.29 8.09
C ALA A 1 -3.14 -9.17 9.04
N LEU A 2 -4.24 -8.58 8.55
CA LEU A 2 -5.50 -8.36 9.28
C LEU A 2 -6.70 -8.45 8.31
N VAL A 3 -7.34 -9.63 8.25
CA VAL A 3 -8.51 -9.97 7.39
C VAL A 3 -8.23 -9.87 5.88
N ASP A 4 -8.87 -10.70 5.04
CA ASP A 4 -8.71 -10.65 3.57
C ASP A 4 -9.44 -9.45 2.92
N GLU A 5 -10.69 -9.19 3.33
CA GLU A 5 -11.50 -8.02 2.87
C GLU A 5 -10.86 -6.67 3.15
N VAL A 6 -10.35 -6.47 4.37
CA VAL A 6 -9.59 -5.25 4.75
C VAL A 6 -8.33 -5.10 3.88
N LYS A 7 -7.56 -6.17 3.71
CA LYS A 7 -6.39 -6.16 2.82
C LYS A 7 -6.77 -5.72 1.40
N ASP A 8 -7.78 -6.33 0.77
CA ASP A 8 -8.23 -5.99 -0.60
C ASP A 8 -8.65 -4.51 -0.76
N MET A 9 -9.41 -3.96 0.18
CA MET A 9 -9.82 -2.54 0.18
C MET A 9 -8.64 -1.56 0.29
N GLU A 10 -7.70 -1.86 1.19
CA GLU A 10 -6.44 -1.10 1.33
C GLU A 10 -5.55 -1.23 0.10
N ILE A 11 -5.45 -2.42 -0.49
CA ILE A 11 -4.71 -2.69 -1.73
C ILE A 11 -5.27 -1.84 -2.91
N ALA A 12 -6.59 -1.71 -3.02
CA ALA A 12 -7.21 -0.83 -4.02
C ALA A 12 -6.78 0.65 -3.83
N ARG A 13 -6.61 1.08 -2.58
CA ARG A 13 -6.01 2.36 -2.22
C ARG A 13 -4.56 2.53 -2.76
N LEU A 14 -3.69 1.51 -2.64
CA LEU A 14 -2.33 1.50 -3.21
C LEU A 14 -2.32 1.66 -4.74
N MET A 15 -3.27 1.02 -5.43
CA MET A 15 -3.44 1.14 -6.88
C MET A 15 -3.74 2.59 -7.31
N SER A 16 -4.47 3.35 -6.48
CA SER A 16 -4.71 4.79 -6.69
C SER A 16 -3.41 5.62 -6.67
N LEU A 17 -2.47 5.36 -5.75
CA LEU A 17 -1.16 6.02 -5.70
C LEU A 17 -0.15 5.61 -6.82
N GLY A 18 -0.48 4.64 -7.69
CA GLY A 18 0.40 4.19 -8.78
C GLY A 18 1.51 3.22 -8.31
N LEU A 19 1.16 1.93 -8.20
CA LEU A 19 2.02 0.83 -7.75
C LEU A 19 1.73 -0.51 -8.48
N SER A 20 2.59 -1.52 -8.27
CA SER A 20 2.47 -2.89 -8.83
C SER A 20 1.20 -3.65 -8.36
N ILE A 21 1.08 -4.96 -8.65
CA ILE A 21 -0.03 -5.79 -8.10
C ILE A 21 0.40 -6.52 -6.83
N GLU A 22 1.02 -7.71 -6.92
CA GLU A 22 1.31 -8.56 -5.74
C GLU A 22 2.46 -8.02 -4.89
N GLU A 23 3.47 -7.43 -5.53
CA GLU A 23 4.53 -6.69 -4.82
C GLU A 23 3.98 -5.47 -4.10
N ALA A 24 3.11 -4.67 -4.73
CA ALA A 24 2.45 -3.57 -4.04
C ALA A 24 1.60 -3.99 -2.84
N THR A 25 0.93 -5.16 -2.83
CA THR A 25 0.10 -5.56 -1.68
C THR A 25 0.97 -5.99 -0.48
N GLU A 26 2.10 -6.63 -0.75
CA GLU A 26 3.05 -7.06 0.29
C GLU A 26 3.86 -5.89 0.83
N PHE A 27 4.17 -4.92 -0.04
CA PHE A 27 4.85 -3.67 0.30
C PHE A 27 3.96 -2.72 1.12
N TYR A 28 2.66 -2.64 0.80
CA TYR A 28 1.70 -1.89 1.62
C TYR A 28 1.74 -2.36 3.07
N GLU A 29 1.55 -3.66 3.33
CA GLU A 29 1.64 -4.21 4.69
C GLU A 29 3.04 -4.09 5.33
N ASN A 30 4.09 -4.50 4.62
CA ASN A 30 5.49 -4.41 5.11
C ASN A 30 6.01 -2.98 5.38
N ASP A 31 5.32 -1.96 4.88
CA ASP A 31 5.58 -0.57 5.27
C ASP A 31 4.70 -0.27 6.49
N VAL A 32 3.40 -0.35 6.27
CA VAL A 32 2.35 0.07 7.25
C VAL A 32 0.89 -0.28 6.81
N THR A 33 -0.01 0.71 6.80
CA THR A 33 -1.45 0.58 6.64
C THR A 33 -2.07 1.36 5.48
N TYR A 34 -1.53 2.52 5.07
CA TYR A 34 -1.97 3.43 4.00
C TYR A 34 -1.28 4.80 4.18
N GLU A 35 -1.80 5.65 5.08
CA GLU A 35 -1.37 7.07 5.20
C GLU A 35 0.09 7.24 5.60
N ARG A 36 0.61 6.35 6.44
CA ARG A 36 2.04 6.32 6.78
C ARG A 36 2.95 6.03 5.58
N TYR A 37 2.66 5.03 4.72
CA TYR A 37 3.54 4.71 3.58
C TYR A 37 3.42 5.83 2.55
N LEU A 38 2.21 6.35 2.34
CA LEU A 38 1.97 7.51 1.48
C LEU A 38 2.90 8.68 1.87
N GLU A 39 3.04 8.96 3.18
CA GLU A 39 3.93 10.04 3.68
C GLU A 39 5.41 9.77 3.42
N ILE A 40 5.88 8.54 3.68
CA ILE A 40 7.27 8.12 3.51
C ILE A 40 7.67 8.11 2.01
N LEU A 41 6.84 7.52 1.14
CA LEU A 41 6.99 7.43 -0.31
C LEU A 41 6.82 8.80 -1.00
N LYS A 42 5.92 9.68 -0.54
CA LYS A 42 5.86 11.08 -1.01
C LYS A 42 7.13 11.87 -0.67
N SER A 43 7.75 11.58 0.48
CA SER A 43 9.07 12.11 0.82
C SER A 43 10.11 11.67 -0.23
N LYS A 44 10.12 10.37 -0.55
CA LYS A 44 11.10 9.75 -1.47
C LYS A 44 12.55 9.88 -0.94
N GLN A 45 13.54 9.35 -1.67
CA GLN A 45 14.97 9.49 -1.34
C GLN A 45 15.37 8.97 0.07
N LYS A 46 14.54 8.09 0.65
CA LYS A 46 14.54 7.60 2.05
C LYS A 46 14.17 8.68 3.10
N GLU A 47 14.87 9.82 3.10
CA GLU A 47 14.73 10.96 4.04
C GLU A 47 15.43 12.20 3.48
N ALA A 1 -12.15 -4.50 11.72
CA ALA A 1 -12.32 -5.92 11.33
C ALA A 1 -10.97 -6.59 10.99
N LEU A 2 -10.32 -6.15 9.90
CA LEU A 2 -9.04 -6.65 9.35
C LEU A 2 -9.06 -8.15 8.94
N VAL A 3 -9.27 -8.38 7.64
CA VAL A 3 -9.44 -9.68 6.97
C VAL A 3 -9.24 -9.52 5.44
N ASP A 4 -9.70 -10.47 4.60
CA ASP A 4 -9.67 -10.47 3.13
C ASP A 4 -10.22 -9.18 2.48
N GLU A 5 -11.40 -8.72 2.89
CA GLU A 5 -12.02 -7.44 2.41
C GLU A 5 -11.18 -6.20 2.73
N VAL A 6 -10.54 -6.17 3.91
CA VAL A 6 -9.64 -5.08 4.32
C VAL A 6 -8.36 -5.12 3.52
N LYS A 7 -7.76 -6.30 3.33
CA LYS A 7 -6.62 -6.46 2.43
C LYS A 7 -6.96 -5.93 1.04
N ASP A 8 -8.03 -6.36 0.38
CA ASP A 8 -8.46 -5.84 -0.94
C ASP A 8 -8.64 -4.32 -0.97
N MET A 9 -9.39 -3.73 -0.03
CA MET A 9 -9.61 -2.28 0.08
C MET A 9 -8.32 -1.44 0.34
N GLU A 10 -7.49 -1.95 1.24
CA GLU A 10 -6.16 -1.39 1.58
C GLU A 10 -5.20 -1.49 0.38
N ILE A 11 -5.27 -2.58 -0.38
CA ILE A 11 -4.51 -2.81 -1.61
C ILE A 11 -4.99 -1.90 -2.76
N ALA A 12 -6.31 -1.73 -2.94
CA ALA A 12 -6.89 -0.82 -3.93
C ALA A 12 -6.50 0.65 -3.72
N ARG A 13 -6.42 1.05 -2.45
CA ARG A 13 -5.84 2.32 -2.02
C ARG A 13 -4.40 2.51 -2.52
N LEU A 14 -3.61 1.44 -2.55
CA LEU A 14 -2.24 1.46 -3.12
C LEU A 14 -2.22 1.82 -4.60
N MET A 15 -3.14 1.27 -5.39
CA MET A 15 -3.25 1.60 -6.81
C MET A 15 -3.53 3.10 -7.04
N SER A 16 -4.34 3.74 -6.19
CA SER A 16 -4.54 5.21 -6.23
C SER A 16 -3.25 6.04 -6.04
N LEU A 17 -2.36 5.57 -5.14
CA LEU A 17 -1.01 6.15 -4.94
C LEU A 17 -0.01 5.87 -6.08
N GLY A 18 -0.18 4.75 -6.77
CA GLY A 18 0.77 4.27 -7.78
C GLY A 18 1.77 3.30 -7.15
N LEU A 19 1.45 2.02 -7.32
CA LEU A 19 2.27 0.86 -6.96
C LEU A 19 2.12 -0.33 -7.94
N SER A 20 2.92 -1.39 -7.74
CA SER A 20 2.87 -2.70 -8.42
C SER A 20 1.55 -3.49 -8.15
N ILE A 21 1.55 -4.82 -8.26
CA ILE A 21 0.38 -5.69 -7.99
C ILE A 21 0.65 -6.54 -6.73
N GLU A 22 1.03 -7.82 -6.84
CA GLU A 22 1.32 -8.71 -5.69
C GLU A 22 2.47 -8.21 -4.83
N GLU A 23 3.44 -7.52 -5.44
CA GLU A 23 4.55 -6.91 -4.69
C GLU A 23 4.05 -5.70 -3.93
N ALA A 24 3.28 -4.79 -4.53
CA ALA A 24 2.63 -3.70 -3.79
C ALA A 24 1.78 -4.14 -2.61
N THR A 25 1.08 -5.27 -2.71
CA THR A 25 0.21 -5.73 -1.62
C THR A 25 1.05 -6.15 -0.40
N GLU A 26 2.16 -6.83 -0.68
CA GLU A 26 3.14 -7.20 0.32
C GLU A 26 3.91 -5.98 0.80
N PHE A 27 4.20 -4.98 -0.04
CA PHE A 27 5.02 -3.85 0.37
C PHE A 27 4.16 -2.99 1.31
N TYR A 28 2.94 -2.58 0.93
CA TYR A 28 1.93 -1.98 1.83
C TYR A 28 1.82 -2.53 3.24
N GLU A 29 1.77 -3.87 3.37
CA GLU A 29 1.62 -4.54 4.68
C GLU A 29 2.94 -4.61 5.46
N ASN A 30 4.07 -4.51 4.78
CA ASN A 30 5.40 -4.45 5.39
C ASN A 30 5.83 -3.03 5.79
N ASP A 31 5.48 -2.06 4.96
CA ASP A 31 5.64 -0.62 5.14
C ASP A 31 4.76 -0.22 6.31
N VAL A 32 3.43 -0.23 6.14
CA VAL A 32 2.55 -0.04 7.30
C VAL A 32 1.05 -0.41 7.15
N THR A 33 0.22 0.43 6.50
CA THR A 33 -1.26 0.40 6.48
C THR A 33 -1.79 1.21 5.27
N TYR A 34 -1.37 2.47 5.07
CA TYR A 34 -1.65 3.34 3.92
C TYR A 34 -1.01 4.72 4.19
N GLU A 35 -1.56 5.47 5.15
CA GLU A 35 -1.19 6.88 5.46
C GLU A 35 0.28 7.09 5.80
N ARG A 36 0.87 6.16 6.55
CA ARG A 36 2.30 6.21 6.91
C ARG A 36 3.19 5.99 5.67
N TYR A 37 2.92 4.96 4.87
CA TYR A 37 3.72 4.68 3.67
C TYR A 37 3.50 5.80 2.65
N LEU A 38 2.27 6.22 2.36
CA LEU A 38 1.94 7.38 1.52
C LEU A 38 2.87 8.56 1.82
N GLU A 39 2.93 8.91 3.10
CA GLU A 39 3.74 10.05 3.58
C GLU A 39 5.24 9.88 3.24
N ILE A 40 5.76 8.66 3.37
CA ILE A 40 7.15 8.29 3.07
C ILE A 40 7.42 8.24 1.54
N LEU A 41 6.58 7.56 0.76
CA LEU A 41 6.62 7.39 -0.70
C LEU A 41 6.40 8.72 -1.46
N LYS A 42 5.42 9.54 -1.08
CA LYS A 42 5.26 10.94 -1.56
C LYS A 42 6.50 11.82 -1.27
N SER A 43 7.13 11.54 -0.12
CA SER A 43 8.45 12.12 0.19
C SER A 43 9.51 11.69 -0.87
N LYS A 44 9.56 10.40 -1.19
CA LYS A 44 10.32 9.80 -2.31
C LYS A 44 9.73 10.11 -3.71
N GLN A 45 10.27 9.46 -4.76
CA GLN A 45 9.70 9.48 -6.11
C GLN A 45 8.43 8.60 -6.21
N LYS A 46 7.34 9.20 -6.70
CA LYS A 46 6.07 8.56 -7.04
C LYS A 46 5.89 8.39 -8.57
N GLU A 47 4.73 7.90 -9.03
CA GLU A 47 4.34 7.79 -10.44
C GLU A 47 4.46 9.10 -11.25
N ALA A 1 -13.23 -7.70 11.90
CA ALA A 1 -12.11 -6.95 11.25
C ALA A 1 -11.86 -7.37 9.79
N LEU A 2 -11.91 -8.67 9.47
CA LEU A 2 -11.69 -9.25 8.12
C LEU A 2 -10.29 -8.96 7.54
N VAL A 3 -9.27 -9.68 8.01
CA VAL A 3 -7.87 -9.60 7.50
C VAL A 3 -7.68 -9.91 6.00
N ASP A 4 -8.73 -10.35 5.30
CA ASP A 4 -8.75 -10.63 3.85
C ASP A 4 -9.50 -9.56 3.05
N GLU A 5 -10.73 -9.22 3.46
CA GLU A 5 -11.56 -8.16 2.84
C GLU A 5 -10.99 -6.75 3.04
N VAL A 6 -10.46 -6.47 4.23
CA VAL A 6 -9.72 -5.21 4.53
C VAL A 6 -8.47 -5.11 3.66
N LYS A 7 -7.74 -6.22 3.50
CA LYS A 7 -6.53 -6.28 2.71
C LYS A 7 -6.85 -5.93 1.25
N ASP A 8 -7.91 -6.50 0.68
CA ASP A 8 -8.29 -6.25 -0.73
C ASP A 8 -8.65 -4.78 -0.97
N MET A 9 -9.38 -4.12 -0.05
CA MET A 9 -9.63 -2.67 -0.11
C MET A 9 -8.38 -1.80 0.03
N GLU A 10 -7.62 -1.94 1.13
CA GLU A 10 -6.29 -1.30 1.35
C GLU A 10 -5.28 -1.48 0.19
N ILE A 11 -5.44 -2.58 -0.53
CA ILE A 11 -4.73 -2.88 -1.79
C ILE A 11 -5.24 -2.02 -2.97
N ALA A 12 -6.56 -1.88 -3.13
CA ALA A 12 -7.14 -1.02 -4.17
C ALA A 12 -6.77 0.46 -3.97
N ARG A 13 -6.69 0.90 -2.72
CA ARG A 13 -6.15 2.19 -2.31
C ARG A 13 -4.73 2.41 -2.85
N LEU A 14 -3.83 1.42 -2.77
CA LEU A 14 -2.47 1.48 -3.37
C LEU A 14 -2.44 1.71 -4.89
N MET A 15 -3.43 1.13 -5.57
CA MET A 15 -3.62 1.36 -7.00
C MET A 15 -3.93 2.84 -7.33
N SER A 16 -4.66 3.56 -6.48
CA SER A 16 -4.87 5.01 -6.63
C SER A 16 -3.53 5.80 -6.64
N LEU A 17 -2.61 5.44 -5.72
CA LEU A 17 -1.28 6.05 -5.57
C LEU A 17 -0.25 5.59 -6.64
N GLY A 18 -0.65 4.65 -7.51
CA GLY A 18 0.16 4.06 -8.57
C GLY A 18 1.27 3.15 -8.02
N LEU A 19 0.92 1.90 -7.77
CA LEU A 19 1.81 0.83 -7.32
C LEU A 19 1.53 -0.47 -8.15
N SER A 20 2.40 -1.48 -8.08
CA SER A 20 2.27 -2.79 -8.77
C SER A 20 1.07 -3.63 -8.29
N ILE A 21 1.02 -4.93 -8.62
CA ILE A 21 0.09 -5.87 -7.96
C ILE A 21 0.58 -6.50 -6.64
N GLU A 22 0.93 -7.80 -6.61
CA GLU A 22 1.38 -8.57 -5.43
C GLU A 22 2.48 -7.85 -4.63
N GLU A 23 3.45 -7.35 -5.39
CA GLU A 23 4.58 -6.55 -4.89
C GLU A 23 4.08 -5.27 -4.23
N ALA A 24 3.12 -4.56 -4.84
CA ALA A 24 2.44 -3.45 -4.12
C ALA A 24 1.79 -3.93 -2.83
N THR A 25 1.05 -5.04 -2.83
CA THR A 25 0.28 -5.50 -1.66
C THR A 25 1.19 -5.83 -0.46
N GLU A 26 2.21 -6.66 -0.68
CA GLU A 26 3.23 -7.00 0.33
C GLU A 26 4.00 -5.76 0.80
N PHE A 27 4.32 -4.89 -0.15
CA PHE A 27 4.99 -3.60 0.11
C PHE A 27 4.14 -2.69 1.02
N TYR A 28 2.83 -2.63 0.81
CA TYR A 28 1.84 -1.88 1.59
C TYR A 28 1.78 -2.31 3.05
N GLU A 29 1.70 -3.63 3.25
CA GLU A 29 1.51 -4.27 4.55
C GLU A 29 2.80 -4.23 5.37
N ASN A 30 3.94 -4.53 4.72
CA ASN A 30 5.27 -4.34 5.28
C ASN A 30 5.45 -2.88 5.71
N ASP A 31 5.32 -1.96 4.74
CA ASP A 31 5.44 -0.52 5.02
C ASP A 31 4.60 0.01 6.17
N VAL A 32 3.35 -0.47 6.36
CA VAL A 32 2.37 0.03 7.37
C VAL A 32 0.88 -0.36 7.13
N THR A 33 0.11 0.53 6.49
CA THR A 33 -1.35 0.59 6.33
C THR A 33 -1.61 1.48 5.10
N TYR A 34 -1.87 2.79 5.23
CA TYR A 34 -1.93 3.65 4.04
C TYR A 34 -1.23 5.02 4.18
N GLU A 35 -1.71 5.91 5.06
CA GLU A 35 -1.22 7.31 5.11
C GLU A 35 0.26 7.38 5.48
N ARG A 36 0.65 6.57 6.47
CA ARG A 36 2.04 6.34 6.86
C ARG A 36 2.99 5.97 5.68
N TYR A 37 2.60 5.01 4.83
CA TYR A 37 3.44 4.66 3.67
C TYR A 37 3.44 5.78 2.66
N LEU A 38 2.30 6.44 2.44
CA LEU A 38 2.18 7.52 1.49
C LEU A 38 3.13 8.68 1.85
N GLU A 39 3.13 9.17 3.09
CA GLU A 39 4.08 10.22 3.54
C GLU A 39 5.54 9.81 3.35
N ILE A 40 5.88 8.61 3.83
CA ILE A 40 7.23 8.02 3.69
C ILE A 40 7.67 7.99 2.20
N LEU A 41 6.83 7.50 1.29
CA LEU A 41 7.06 7.41 -0.16
C LEU A 41 7.01 8.76 -0.90
N LYS A 42 6.21 9.73 -0.46
CA LYS A 42 6.24 11.13 -0.96
C LYS A 42 7.60 11.76 -0.65
N SER A 43 8.06 11.62 0.59
CA SER A 43 9.40 12.04 1.01
C SER A 43 10.51 11.45 0.11
N LYS A 44 10.37 10.20 -0.32
CA LYS A 44 11.30 9.53 -1.25
C LYS A 44 11.15 9.95 -2.73
N GLN A 45 9.93 10.27 -3.17
CA GLN A 45 9.55 10.70 -4.53
C GLN A 45 8.22 11.45 -4.52
N LYS A 46 8.27 12.78 -4.69
CA LYS A 46 7.08 13.63 -4.72
C LYS A 46 6.33 13.47 -6.08
N GLU A 47 5.14 12.85 -6.06
CA GLU A 47 4.26 12.59 -7.22
C GLU A 47 2.81 12.94 -6.92
N ALA A 1 -6.37 -11.11 12.29
CA ALA A 1 -7.76 -11.66 12.24
C ALA A 1 -8.07 -12.49 10.96
N LEU A 2 -7.08 -13.04 10.24
CA LEU A 2 -7.26 -13.76 8.96
C LEU A 2 -8.11 -13.02 7.89
N VAL A 3 -8.13 -11.68 7.95
CA VAL A 3 -8.91 -10.81 7.06
C VAL A 3 -8.46 -10.90 5.60
N ASP A 4 -9.41 -10.77 4.68
CA ASP A 4 -9.19 -10.86 3.22
C ASP A 4 -9.79 -9.67 2.45
N GLU A 5 -11.06 -9.30 2.72
CA GLU A 5 -11.68 -8.08 2.15
C GLU A 5 -11.03 -6.79 2.62
N VAL A 6 -10.60 -6.72 3.89
CA VAL A 6 -9.80 -5.58 4.41
C VAL A 6 -8.50 -5.44 3.62
N LYS A 7 -7.78 -6.53 3.41
CA LYS A 7 -6.57 -6.54 2.60
C LYS A 7 -6.87 -6.02 1.18
N ASP A 8 -7.83 -6.61 0.46
CA ASP A 8 -8.23 -6.20 -0.90
C ASP A 8 -8.68 -4.72 -1.03
N MET A 9 -9.28 -4.14 0.01
CA MET A 9 -9.66 -2.72 0.03
C MET A 9 -8.47 -1.78 0.23
N GLU A 10 -7.59 -2.05 1.20
CA GLU A 10 -6.33 -1.28 1.38
C GLU A 10 -5.40 -1.41 0.16
N ILE A 11 -5.36 -2.59 -0.44
CA ILE A 11 -4.62 -2.88 -1.69
C ILE A 11 -5.12 -2.00 -2.86
N ALA A 12 -6.45 -1.89 -3.05
CA ALA A 12 -7.02 -0.96 -4.04
C ALA A 12 -6.65 0.52 -3.77
N ARG A 13 -6.65 0.93 -2.50
CA ARG A 13 -6.13 2.22 -2.06
C ARG A 13 -4.70 2.50 -2.59
N LEU A 14 -3.83 1.48 -2.64
CA LEU A 14 -2.47 1.57 -3.22
C LEU A 14 -2.45 1.87 -4.73
N MET A 15 -3.33 1.21 -5.48
CA MET A 15 -3.54 1.49 -6.91
C MET A 15 -3.99 2.94 -7.16
N SER A 16 -4.60 3.61 -6.17
CA SER A 16 -4.91 5.04 -6.27
C SER A 16 -3.68 5.98 -6.08
N LEU A 17 -2.62 5.55 -5.38
CA LEU A 17 -1.33 6.26 -5.28
C LEU A 17 -0.37 5.96 -6.45
N GLY A 18 -0.49 4.78 -7.08
CA GLY A 18 0.34 4.37 -8.22
C GLY A 18 1.44 3.38 -7.81
N LEU A 19 1.04 2.14 -7.51
CA LEU A 19 1.93 1.02 -7.16
C LEU A 19 1.75 -0.16 -8.17
N SER A 20 2.21 -1.36 -7.79
CA SER A 20 2.24 -2.60 -8.61
C SER A 20 0.93 -3.43 -8.53
N ILE A 21 1.00 -4.61 -7.91
CA ILE A 21 -0.08 -5.57 -7.65
C ILE A 21 0.16 -6.45 -6.38
N GLU A 22 0.63 -7.70 -6.50
CA GLU A 22 1.03 -8.57 -5.35
C GLU A 22 2.25 -8.00 -4.61
N GLU A 23 3.27 -7.64 -5.39
CA GLU A 23 4.47 -6.95 -4.87
C GLU A 23 4.08 -5.66 -4.12
N ALA A 24 3.11 -4.92 -4.65
CA ALA A 24 2.51 -3.77 -3.95
C ALA A 24 1.81 -4.15 -2.65
N THR A 25 1.09 -5.27 -2.63
CA THR A 25 0.39 -5.77 -1.44
C THR A 25 1.37 -6.07 -0.28
N GLU A 26 2.43 -6.83 -0.54
CA GLU A 26 3.50 -7.10 0.45
C GLU A 26 4.26 -5.85 0.87
N PHE A 27 4.45 -4.91 -0.05
CA PHE A 27 5.09 -3.61 0.25
C PHE A 27 4.24 -2.77 1.21
N TYR A 28 2.94 -2.67 0.94
CA TYR A 28 1.90 -2.01 1.74
C TYR A 28 1.87 -2.46 3.21
N GLU A 29 1.90 -3.77 3.41
CA GLU A 29 1.83 -4.40 4.75
C GLU A 29 3.16 -4.31 5.50
N ASN A 30 4.28 -4.51 4.79
CA ASN A 30 5.61 -4.30 5.36
C ASN A 30 5.79 -2.84 5.82
N ASP A 31 5.59 -1.88 4.92
CA ASP A 31 5.61 -0.45 5.27
C ASP A 31 4.70 -0.07 6.43
N VAL A 32 3.38 -0.34 6.37
CA VAL A 32 2.37 0.13 7.34
C VAL A 32 0.91 -0.30 6.97
N THR A 33 0.10 0.64 6.51
CA THR A 33 -1.33 0.60 6.19
C THR A 33 -1.49 1.51 4.95
N TYR A 34 -1.91 2.79 5.09
CA TYR A 34 -1.99 3.68 3.92
C TYR A 34 -1.32 5.06 4.07
N GLU A 35 -1.83 5.96 4.94
CA GLU A 35 -1.34 7.37 5.00
C GLU A 35 0.14 7.50 5.39
N ARG A 36 0.62 6.65 6.30
CA ARG A 36 2.06 6.59 6.65
C ARG A 36 2.97 6.28 5.42
N TYR A 37 2.71 5.20 4.67
CA TYR A 37 3.54 4.88 3.49
C TYR A 37 3.39 5.96 2.42
N LEU A 38 2.22 6.55 2.23
CA LEU A 38 2.02 7.70 1.34
C LEU A 38 2.99 8.85 1.69
N GLU A 39 3.21 9.15 2.98
CA GLU A 39 4.10 10.23 3.41
C GLU A 39 5.57 9.87 3.19
N ILE A 40 5.98 8.66 3.58
CA ILE A 40 7.35 8.14 3.38
C ILE A 40 7.73 8.10 1.89
N LEU A 41 6.87 7.56 1.03
CA LEU A 41 7.05 7.48 -0.42
C LEU A 41 6.86 8.83 -1.14
N LYS A 42 6.08 9.78 -0.63
CA LYS A 42 6.07 11.15 -1.18
C LYS A 42 7.41 11.87 -0.90
N SER A 43 8.01 11.62 0.27
CA SER A 43 9.35 12.12 0.62
C SER A 43 10.49 11.47 -0.20
N LYS A 44 10.32 10.25 -0.74
CA LYS A 44 11.37 9.51 -1.47
C LYS A 44 10.81 8.33 -2.31
N GLN A 45 10.10 8.65 -3.40
CA GLN A 45 9.52 7.68 -4.36
C GLN A 45 10.57 6.98 -5.25
N LYS A 46 10.11 6.01 -6.06
CA LYS A 46 10.91 5.31 -7.07
C LYS A 46 10.10 4.98 -8.35
N GLU A 47 8.90 4.40 -8.17
CA GLU A 47 7.97 3.93 -9.24
C GLU A 47 8.61 2.91 -10.22
N ALA A 1 -12.09 -12.07 6.07
CA ALA A 1 -13.03 -12.79 5.18
C ALA A 1 -12.53 -12.75 3.72
N LEU A 2 -12.35 -13.88 3.06
CA LEU A 2 -12.05 -14.04 1.62
C LEU A 2 -10.86 -13.20 1.07
N VAL A 3 -9.64 -13.76 1.19
CA VAL A 3 -8.35 -13.08 0.92
C VAL A 3 -8.17 -11.78 1.73
N ASP A 4 -8.76 -11.76 2.94
CA ASP A 4 -8.94 -10.59 3.83
C ASP A 4 -9.50 -9.35 3.12
N GLU A 5 -10.83 -9.19 3.13
CA GLU A 5 -11.58 -8.03 2.59
C GLU A 5 -11.00 -6.67 3.00
N VAL A 6 -10.54 -6.53 4.25
CA VAL A 6 -9.79 -5.35 4.72
C VAL A 6 -8.51 -5.15 3.89
N LYS A 7 -7.69 -6.20 3.77
CA LYS A 7 -6.47 -6.18 2.96
C LYS A 7 -6.79 -5.79 1.50
N ASP A 8 -7.79 -6.41 0.85
CA ASP A 8 -8.19 -6.14 -0.54
C ASP A 8 -8.62 -4.67 -0.79
N MET A 9 -9.41 -4.09 0.12
CA MET A 9 -9.82 -2.68 0.07
C MET A 9 -8.63 -1.71 0.21
N GLU A 10 -7.78 -1.97 1.21
CA GLU A 10 -6.51 -1.24 1.42
C GLU A 10 -5.55 -1.38 0.24
N ILE A 11 -5.49 -2.55 -0.39
CA ILE A 11 -4.70 -2.79 -1.62
C ILE A 11 -5.23 -1.94 -2.79
N ALA A 12 -6.55 -1.80 -2.93
CA ALA A 12 -7.14 -0.91 -3.95
C ALA A 12 -6.70 0.56 -3.77
N ARG A 13 -6.51 0.99 -2.52
CA ARG A 13 -5.90 2.27 -2.19
C ARG A 13 -4.46 2.41 -2.75
N LEU A 14 -3.60 1.39 -2.65
CA LEU A 14 -2.25 1.40 -3.22
C LEU A 14 -2.23 1.59 -4.74
N MET A 15 -3.17 0.99 -5.47
CA MET A 15 -3.36 1.23 -6.91
C MET A 15 -3.65 2.72 -7.21
N SER A 16 -4.41 3.40 -6.35
CA SER A 16 -4.69 4.84 -6.49
C SER A 16 -3.43 5.73 -6.40
N LEU A 17 -2.39 5.35 -5.64
CA LEU A 17 -1.09 6.03 -5.60
C LEU A 17 -0.09 5.64 -6.72
N GLY A 18 -0.42 4.73 -7.65
CA GLY A 18 0.51 4.29 -8.70
C GLY A 18 1.57 3.30 -8.18
N LEU A 19 1.19 2.03 -8.11
CA LEU A 19 2.04 0.91 -7.65
C LEU A 19 1.79 -0.40 -8.44
N SER A 20 2.59 -1.45 -8.18
CA SER A 20 2.48 -2.80 -8.74
C SER A 20 1.18 -3.53 -8.32
N ILE A 21 1.06 -4.87 -8.53
CA ILE A 21 -0.11 -5.64 -8.06
C ILE A 21 0.21 -6.44 -6.78
N GLU A 22 0.87 -7.61 -6.89
CA GLU A 22 1.13 -8.52 -5.74
C GLU A 22 2.28 -8.01 -4.87
N GLU A 23 3.32 -7.47 -5.51
CA GLU A 23 4.40 -6.74 -4.81
C GLU A 23 3.86 -5.52 -4.08
N ALA A 24 2.97 -4.73 -4.71
CA ALA A 24 2.30 -3.63 -4.00
C ALA A 24 1.54 -4.10 -2.75
N THR A 25 0.78 -5.20 -2.79
CA THR A 25 0.07 -5.67 -1.58
C THR A 25 0.99 -6.03 -0.41
N GLU A 26 2.15 -6.65 -0.68
CA GLU A 26 3.12 -6.99 0.37
C GLU A 26 3.85 -5.76 0.86
N PHE A 27 4.22 -4.86 -0.04
CA PHE A 27 4.88 -3.59 0.27
C PHE A 27 4.03 -2.69 1.18
N TYR A 28 2.72 -2.57 0.88
CA TYR A 28 1.74 -1.90 1.72
C TYR A 28 1.81 -2.42 3.17
N GLU A 29 1.56 -3.72 3.36
CA GLU A 29 1.60 -4.37 4.68
C GLU A 29 2.96 -4.40 5.38
N ASN A 30 4.08 -4.32 4.64
CA ASN A 30 5.44 -4.26 5.20
C ASN A 30 5.94 -2.84 5.55
N ASP A 31 5.33 -1.81 4.96
CA ASP A 31 5.61 -0.41 5.28
C ASP A 31 4.76 0.00 6.50
N VAL A 32 3.47 -0.29 6.36
CA VAL A 32 2.35 0.10 7.27
C VAL A 32 0.91 -0.29 6.82
N THR A 33 0.02 0.69 6.67
CA THR A 33 -1.44 0.58 6.49
C THR A 33 -1.95 1.38 5.29
N TYR A 34 -1.41 2.57 4.99
CA TYR A 34 -1.86 3.53 3.96
C TYR A 34 -1.18 4.90 4.15
N GLU A 35 -1.69 5.77 5.04
CA GLU A 35 -1.26 7.18 5.13
C GLU A 35 0.18 7.36 5.58
N ARG A 36 0.68 6.44 6.42
CA ARG A 36 2.08 6.44 6.82
C ARG A 36 3.02 6.17 5.63
N TYR A 37 2.79 5.13 4.82
CA TYR A 37 3.65 4.84 3.66
C TYR A 37 3.51 5.95 2.62
N LEU A 38 2.30 6.49 2.42
CA LEU A 38 2.07 7.64 1.55
C LEU A 38 3.03 8.79 1.92
N GLU A 39 3.09 9.18 3.19
CA GLU A 39 4.01 10.25 3.67
C GLU A 39 5.48 9.94 3.41
N ILE A 40 5.91 8.69 3.65
CA ILE A 40 7.32 8.26 3.50
C ILE A 40 7.75 8.21 2.01
N LEU A 41 6.92 7.63 1.14
CA LEU A 41 7.12 7.48 -0.31
C LEU A 41 6.97 8.82 -1.08
N LYS A 42 6.02 9.69 -0.70
CA LYS A 42 5.94 11.07 -1.21
C LYS A 42 7.21 11.88 -0.85
N SER A 43 7.75 11.63 0.35
CA SER A 43 9.06 12.17 0.75
C SER A 43 10.15 11.73 -0.27
N LYS A 44 10.34 10.42 -0.46
CA LYS A 44 11.15 9.81 -1.54
C LYS A 44 10.73 8.35 -1.84
N GLN A 45 10.34 8.06 -3.09
CA GLN A 45 9.92 6.71 -3.52
C GLN A 45 11.10 5.76 -3.76
N LYS A 46 12.10 6.22 -4.53
CA LYS A 46 13.33 5.47 -4.85
C LYS A 46 13.09 4.04 -5.39
N GLU A 47 14.08 3.13 -5.27
CA GLU A 47 14.03 1.71 -5.69
C GLU A 47 14.60 0.76 -4.63
N ALA A 1 -4.74 -16.31 8.35
CA ALA A 1 -4.99 -14.88 8.09
C ALA A 1 -6.15 -14.38 8.97
N LEU A 2 -5.98 -13.25 9.68
CA LEU A 2 -7.07 -12.62 10.45
C LEU A 2 -8.25 -12.19 9.54
N VAL A 3 -7.93 -11.63 8.38
CA VAL A 3 -8.85 -11.08 7.39
C VAL A 3 -8.15 -10.92 6.03
N ASP A 4 -8.91 -11.03 4.93
CA ASP A 4 -8.46 -10.75 3.55
C ASP A 4 -9.18 -9.57 2.90
N GLU A 5 -10.43 -9.28 3.29
CA GLU A 5 -11.24 -8.16 2.76
C GLU A 5 -10.65 -6.78 3.06
N VAL A 6 -10.22 -6.54 4.30
CA VAL A 6 -9.47 -5.32 4.69
C VAL A 6 -8.22 -5.17 3.84
N LYS A 7 -7.47 -6.27 3.66
CA LYS A 7 -6.26 -6.27 2.84
C LYS A 7 -6.58 -5.85 1.40
N ASP A 8 -7.54 -6.49 0.72
CA ASP A 8 -8.03 -6.13 -0.63
C ASP A 8 -8.47 -4.66 -0.79
N MET A 9 -9.16 -4.12 0.21
CA MET A 9 -9.63 -2.72 0.18
C MET A 9 -8.49 -1.70 0.29
N GLU A 10 -7.52 -1.94 1.16
CA GLU A 10 -6.29 -1.13 1.28
C GLU A 10 -5.34 -1.30 0.09
N ILE A 11 -5.33 -2.48 -0.55
CA ILE A 11 -4.60 -2.75 -1.80
C ILE A 11 -5.16 -1.90 -2.98
N ALA A 12 -6.48 -1.75 -3.06
CA ALA A 12 -7.12 -0.86 -4.05
C ALA A 12 -6.72 0.62 -3.86
N ARG A 13 -6.60 1.04 -2.61
CA ARG A 13 -6.03 2.33 -2.21
C ARG A 13 -4.60 2.58 -2.76
N LEU A 14 -3.77 1.53 -2.87
CA LEU A 14 -2.43 1.58 -3.49
C LEU A 14 -2.48 1.89 -4.98
N MET A 15 -3.40 1.23 -5.67
CA MET A 15 -3.71 1.49 -7.08
C MET A 15 -4.13 2.95 -7.35
N SER A 16 -4.68 3.64 -6.34
CA SER A 16 -5.04 5.06 -6.40
C SER A 16 -3.84 6.04 -6.21
N LEU A 17 -2.66 5.55 -5.81
CA LEU A 17 -1.40 6.33 -5.65
C LEU A 17 -0.32 5.96 -6.69
N GLY A 18 -0.56 4.96 -7.54
CA GLY A 18 0.39 4.51 -8.58
C GLY A 18 1.41 3.48 -8.08
N LEU A 19 0.94 2.24 -7.96
CA LEU A 19 1.67 1.08 -7.41
C LEU A 19 1.44 -0.23 -8.17
N SER A 20 2.29 -1.25 -7.91
CA SER A 20 2.22 -2.60 -8.49
C SER A 20 0.96 -3.38 -8.04
N ILE A 21 0.95 -4.71 -8.16
CA ILE A 21 -0.20 -5.54 -7.76
C ILE A 21 0.13 -6.42 -6.54
N GLU A 22 0.88 -7.52 -6.72
CA GLU A 22 1.19 -8.47 -5.63
C GLU A 22 2.36 -7.96 -4.79
N GLU A 23 3.42 -7.46 -5.44
CA GLU A 23 4.52 -6.74 -4.77
C GLU A 23 4.03 -5.48 -4.02
N ALA A 24 3.18 -4.66 -4.66
CA ALA A 24 2.49 -3.57 -3.98
C ALA A 24 1.75 -4.03 -2.71
N THR A 25 0.99 -5.14 -2.76
CA THR A 25 0.30 -5.69 -1.57
C THR A 25 1.25 -5.97 -0.41
N GLU A 26 2.39 -6.63 -0.67
CA GLU A 26 3.38 -6.93 0.38
C GLU A 26 3.99 -5.64 0.92
N PHE A 27 4.49 -4.79 0.03
CA PHE A 27 5.09 -3.49 0.36
C PHE A 27 4.18 -2.62 1.26
N TYR A 28 2.91 -2.49 0.87
CA TYR A 28 1.86 -1.81 1.63
C TYR A 28 1.85 -2.26 3.09
N GLU A 29 1.68 -3.57 3.33
CA GLU A 29 1.69 -4.18 4.67
C GLU A 29 3.02 -4.04 5.43
N ASN A 30 4.16 -4.16 4.75
CA ASN A 30 5.52 -4.03 5.31
C ASN A 30 6.00 -2.58 5.59
N ASP A 31 5.25 -1.60 5.09
CA ASP A 31 5.47 -0.17 5.36
C ASP A 31 4.58 0.30 6.52
N VAL A 32 3.33 -0.20 6.44
CA VAL A 32 2.13 0.13 7.26
C VAL A 32 0.75 -0.29 6.69
N THR A 33 -0.19 0.67 6.59
CA THR A 33 -1.61 0.52 6.29
C THR A 33 -2.13 1.32 5.10
N TYR A 34 -1.75 2.57 4.82
CA TYR A 34 -2.16 3.37 3.65
C TYR A 34 -1.55 4.81 3.72
N GLU A 35 -2.03 5.61 4.68
CA GLU A 35 -1.64 7.05 4.84
C GLU A 35 -0.21 7.22 5.32
N ARG A 36 0.23 6.34 6.23
CA ARG A 36 1.62 6.30 6.70
C ARG A 36 2.61 6.00 5.56
N TYR A 37 2.36 5.02 4.67
CA TYR A 37 3.28 4.72 3.57
C TYR A 37 3.25 5.84 2.53
N LEU A 38 2.09 6.42 2.23
CA LEU A 38 1.97 7.57 1.32
C LEU A 38 2.96 8.67 1.71
N GLU A 39 3.07 8.99 3.00
CA GLU A 39 3.99 10.01 3.54
C GLU A 39 5.46 9.62 3.35
N ILE A 40 5.79 8.35 3.59
CA ILE A 40 7.15 7.80 3.44
C ILE A 40 7.59 7.74 1.96
N LEU A 41 6.75 7.22 1.05
CA LEU A 41 6.97 7.16 -0.41
C LEU A 41 7.13 8.54 -1.05
N LYS A 42 6.25 9.47 -0.67
CA LYS A 42 6.34 10.88 -1.10
C LYS A 42 7.68 11.52 -0.66
N SER A 43 8.21 11.16 0.52
CA SER A 43 9.57 11.50 0.97
C SER A 43 10.70 10.70 0.27
N LYS A 44 10.39 9.54 -0.33
CA LYS A 44 11.36 8.66 -0.98
C LYS A 44 11.67 9.13 -2.42
N GLN A 45 10.64 9.21 -3.27
CA GLN A 45 10.65 9.83 -4.61
C GLN A 45 9.24 9.95 -5.23
N LYS A 46 8.48 8.84 -5.24
CA LYS A 46 7.17 8.66 -5.91
C LYS A 46 7.13 9.13 -7.40
N GLU A 47 7.44 8.21 -8.33
CA GLU A 47 7.40 8.45 -9.80
C GLU A 47 6.00 8.87 -10.29
N ALA A 1 -12.41 -4.69 11.20
CA ALA A 1 -11.69 -5.99 11.10
C ALA A 1 -10.54 -5.89 10.09
N LEU A 2 -9.75 -6.96 9.93
CA LEU A 2 -8.56 -7.06 9.04
C LEU A 2 -8.57 -8.37 8.18
N VAL A 3 -9.78 -8.82 7.82
CA VAL A 3 -10.06 -9.98 6.94
C VAL A 3 -9.52 -9.80 5.51
N ASP A 4 -9.61 -10.84 4.65
CA ASP A 4 -9.21 -10.78 3.22
C ASP A 4 -9.79 -9.59 2.45
N GLU A 5 -11.08 -9.27 2.66
CA GLU A 5 -11.74 -8.07 2.09
C GLU A 5 -11.09 -6.75 2.51
N VAL A 6 -10.65 -6.63 3.76
CA VAL A 6 -9.88 -5.45 4.22
C VAL A 6 -8.55 -5.35 3.50
N LYS A 7 -7.81 -6.44 3.36
CA LYS A 7 -6.58 -6.43 2.55
C LYS A 7 -6.89 -5.95 1.12
N ASP A 8 -7.83 -6.57 0.39
CA ASP A 8 -8.20 -6.18 -0.98
C ASP A 8 -8.59 -4.70 -1.13
N MET A 9 -9.38 -4.15 -0.21
CA MET A 9 -9.73 -2.72 -0.17
C MET A 9 -8.51 -1.81 0.05
N GLU A 10 -7.70 -2.06 1.08
CA GLU A 10 -6.46 -1.31 1.37
C GLU A 10 -5.45 -1.37 0.22
N ILE A 11 -5.34 -2.52 -0.45
CA ILE A 11 -4.53 -2.74 -1.66
C ILE A 11 -5.03 -1.89 -2.84
N ALA A 12 -6.34 -1.84 -3.07
CA ALA A 12 -6.97 -0.97 -4.07
C ALA A 12 -6.62 0.53 -3.83
N ARG A 13 -6.57 0.92 -2.56
CA ARG A 13 -6.07 2.23 -2.14
C ARG A 13 -4.63 2.51 -2.59
N LEU A 14 -3.76 1.50 -2.57
CA LEU A 14 -2.39 1.60 -3.10
C LEU A 14 -2.35 1.96 -4.58
N MET A 15 -3.22 1.33 -5.37
CA MET A 15 -3.36 1.65 -6.80
C MET A 15 -3.79 3.10 -7.05
N SER A 16 -4.52 3.76 -6.14
CA SER A 16 -4.76 5.21 -6.24
C SER A 16 -3.44 6.02 -6.21
N LEU A 17 -2.58 5.81 -5.21
CA LEU A 17 -1.21 6.36 -5.17
C LEU A 17 -0.34 5.95 -6.38
N GLY A 18 -0.49 4.72 -6.90
CA GLY A 18 0.23 4.20 -8.05
C GLY A 18 1.33 3.23 -7.62
N LEU A 19 1.03 1.96 -7.30
CA LEU A 19 1.98 0.91 -6.92
C LEU A 19 1.65 -0.42 -7.69
N SER A 20 2.55 -1.39 -7.60
CA SER A 20 2.46 -2.74 -8.23
C SER A 20 1.16 -3.53 -7.84
N ILE A 21 1.16 -4.85 -7.99
CA ILE A 21 -0.04 -5.71 -7.73
C ILE A 21 0.17 -6.52 -6.45
N GLU A 22 0.60 -7.78 -6.55
CA GLU A 22 0.95 -8.68 -5.41
C GLU A 22 2.21 -8.23 -4.66
N GLU A 23 3.09 -7.56 -5.43
CA GLU A 23 4.28 -6.89 -4.89
C GLU A 23 3.94 -5.64 -4.11
N ALA A 24 3.10 -4.71 -4.62
CA ALA A 24 2.57 -3.65 -3.78
C ALA A 24 1.85 -4.16 -2.52
N THR A 25 0.97 -5.16 -2.61
CA THR A 25 0.30 -5.72 -1.43
C THR A 25 1.26 -6.05 -0.28
N GLU A 26 2.34 -6.77 -0.59
CA GLU A 26 3.36 -7.15 0.41
C GLU A 26 4.25 -5.98 0.82
N PHE A 27 4.39 -4.99 -0.07
CA PHE A 27 5.09 -3.74 0.24
C PHE A 27 4.27 -2.93 1.23
N TYR A 28 3.03 -2.52 0.91
CA TYR A 28 2.02 -1.91 1.80
C TYR A 28 2.06 -2.46 3.23
N GLU A 29 1.80 -3.76 3.41
CA GLU A 29 1.69 -4.39 4.74
C GLU A 29 2.98 -4.37 5.57
N ASN A 30 4.15 -4.48 4.91
CA ASN A 30 5.48 -4.26 5.54
C ASN A 30 5.78 -2.77 5.84
N ASP A 31 5.43 -1.97 4.85
CA ASP A 31 5.48 -0.51 4.84
C ASP A 31 4.71 0.03 6.04
N VAL A 32 3.39 -0.17 6.15
CA VAL A 32 2.51 0.19 7.28
C VAL A 32 1.02 -0.11 6.87
N THR A 33 0.08 0.83 7.09
CA THR A 33 -1.31 0.86 6.66
C THR A 33 -1.62 1.56 5.32
N TYR A 34 -1.34 2.83 4.99
CA TYR A 34 -1.67 3.46 3.68
C TYR A 34 -1.19 4.95 3.69
N GLU A 35 -1.57 5.65 4.78
CA GLU A 35 -1.21 7.06 5.09
C GLU A 35 0.23 7.27 5.56
N ARG A 36 0.78 6.32 6.33
CA ARG A 36 2.20 6.38 6.74
C ARG A 36 3.13 6.15 5.52
N TYR A 37 2.91 5.11 4.70
CA TYR A 37 3.77 4.86 3.52
C TYR A 37 3.58 5.99 2.50
N LEU A 38 2.32 6.39 2.27
CA LEU A 38 2.03 7.57 1.44
C LEU A 38 2.97 8.73 1.82
N GLU A 39 3.19 8.96 3.11
CA GLU A 39 4.10 10.00 3.62
C GLU A 39 5.57 9.73 3.36
N ILE A 40 6.05 8.49 3.47
CA ILE A 40 7.45 8.11 3.22
C ILE A 40 7.79 8.13 1.71
N LEU A 41 6.98 7.48 0.87
CA LEU A 41 7.07 7.42 -0.60
C LEU A 41 6.87 8.81 -1.25
N LYS A 42 5.85 9.54 -0.79
CA LYS A 42 5.62 10.95 -1.22
C LYS A 42 6.86 11.84 -0.94
N SER A 43 7.59 11.59 0.16
CA SER A 43 8.90 12.22 0.41
C SER A 43 10.03 11.65 -0.48
N LYS A 44 10.07 10.34 -0.70
CA LYS A 44 11.03 9.62 -1.55
C LYS A 44 10.79 9.85 -3.06
N GLN A 45 11.57 10.75 -3.65
CA GLN A 45 11.48 11.15 -5.06
C GLN A 45 12.76 10.79 -5.82
N LYS A 46 12.62 10.08 -6.94
CA LYS A 46 13.76 9.55 -7.72
C LYS A 46 13.43 9.36 -9.22
N GLU A 47 12.35 8.63 -9.54
CA GLU A 47 11.78 8.45 -10.89
C GLU A 47 11.21 9.76 -11.44
N ALA A 1 -13.03 -18.05 7.93
CA ALA A 1 -12.23 -17.12 7.10
C ALA A 1 -12.94 -15.77 6.95
N LEU A 2 -12.18 -14.68 7.09
CA LEU A 2 -12.65 -13.28 6.93
C LEU A 2 -11.51 -12.29 6.57
N VAL A 3 -10.29 -12.54 7.07
CA VAL A 3 -9.06 -11.75 6.81
C VAL A 3 -8.60 -11.86 5.34
N ASP A 4 -9.24 -11.06 4.49
CA ASP A 4 -8.99 -10.93 3.04
C ASP A 4 -9.61 -9.64 2.48
N GLU A 5 -10.87 -9.34 2.84
CA GLU A 5 -11.60 -8.14 2.36
C GLU A 5 -10.94 -6.82 2.75
N VAL A 6 -10.48 -6.71 3.99
CA VAL A 6 -9.69 -5.56 4.49
C VAL A 6 -8.43 -5.37 3.65
N LYS A 7 -7.69 -6.45 3.42
CA LYS A 7 -6.50 -6.44 2.57
C LYS A 7 -6.87 -5.90 1.17
N ASP A 8 -7.94 -6.40 0.55
CA ASP A 8 -8.37 -6.01 -0.80
C ASP A 8 -8.71 -4.52 -0.92
N MET A 9 -9.33 -3.90 0.10
CA MET A 9 -9.66 -2.47 0.13
C MET A 9 -8.43 -1.56 0.25
N GLU A 10 -7.58 -1.77 1.27
CA GLU A 10 -6.25 -1.11 1.40
C GLU A 10 -5.38 -1.27 0.14
N ILE A 11 -5.36 -2.49 -0.37
CA ILE A 11 -4.68 -2.85 -1.63
C ILE A 11 -5.19 -1.95 -2.79
N ALA A 12 -6.51 -1.67 -2.87
CA ALA A 12 -7.07 -0.73 -3.84
C ALA A 12 -6.58 0.72 -3.62
N ARG A 13 -6.35 1.15 -2.38
CA ARG A 13 -5.72 2.43 -2.05
C ARG A 13 -4.28 2.59 -2.60
N LEU A 14 -3.48 1.52 -2.61
CA LEU A 14 -2.13 1.50 -3.23
C LEU A 14 -2.19 1.60 -4.76
N MET A 15 -3.27 1.06 -5.35
CA MET A 15 -3.53 1.26 -6.78
C MET A 15 -3.84 2.74 -7.10
N SER A 16 -4.60 3.40 -6.22
CA SER A 16 -4.95 4.82 -6.33
C SER A 16 -3.72 5.78 -6.39
N LEU A 17 -2.71 5.62 -5.52
CA LEU A 17 -1.42 6.34 -5.62
C LEU A 17 -0.56 5.91 -6.85
N GLY A 18 -0.70 4.63 -7.20
CA GLY A 18 -0.17 4.01 -8.42
C GLY A 18 1.13 3.25 -8.20
N LEU A 19 0.99 1.98 -7.81
CA LEU A 19 2.08 1.05 -7.46
C LEU A 19 2.02 -0.22 -8.35
N SER A 20 2.65 -1.31 -7.92
CA SER A 20 2.63 -2.64 -8.59
C SER A 20 1.27 -3.40 -8.48
N ILE A 21 1.35 -4.68 -8.10
CA ILE A 21 0.25 -5.62 -7.82
C ILE A 21 0.64 -6.42 -6.55
N GLU A 22 1.01 -7.72 -6.61
CA GLU A 22 1.45 -8.58 -5.44
C GLU A 22 2.69 -8.08 -4.65
N GLU A 23 3.42 -7.21 -5.33
CA GLU A 23 4.52 -6.43 -4.74
C GLU A 23 4.07 -5.13 -4.11
N ALA A 24 3.07 -4.47 -4.70
CA ALA A 24 2.41 -3.35 -4.04
C ALA A 24 1.73 -3.83 -2.75
N THR A 25 1.00 -4.96 -2.75
CA THR A 25 0.33 -5.43 -1.52
C THR A 25 1.31 -5.74 -0.39
N GLU A 26 2.31 -6.60 -0.64
CA GLU A 26 3.35 -6.92 0.37
C GLU A 26 4.17 -5.70 0.80
N PHE A 27 4.29 -4.72 -0.09
CA PHE A 27 4.94 -3.43 0.23
C PHE A 27 4.07 -2.53 1.11
N TYR A 28 2.75 -2.55 0.93
CA TYR A 28 1.77 -1.79 1.71
C TYR A 28 1.77 -2.22 3.19
N GLU A 29 1.61 -3.53 3.43
CA GLU A 29 1.60 -4.12 4.77
C GLU A 29 2.96 -3.95 5.47
N ASN A 30 4.03 -4.38 4.78
CA ASN A 30 5.39 -4.26 5.31
C ASN A 30 5.69 -2.80 5.70
N ASP A 31 5.36 -1.84 4.82
CA ASP A 31 5.49 -0.42 5.15
C ASP A 31 4.64 0.05 6.33
N VAL A 32 3.36 -0.35 6.51
CA VAL A 32 2.42 0.16 7.55
C VAL A 32 0.95 -0.30 7.34
N THR A 33 0.11 0.51 6.66
CA THR A 33 -1.35 0.44 6.51
C THR A 33 -1.76 1.32 5.32
N TYR A 34 -1.84 2.67 5.46
CA TYR A 34 -2.01 3.54 4.29
C TYR A 34 -1.35 4.93 4.36
N GLU A 35 -1.80 5.85 5.22
CA GLU A 35 -1.31 7.26 5.17
C GLU A 35 0.17 7.41 5.50
N ARG A 36 0.67 6.66 6.49
CA ARG A 36 2.11 6.54 6.76
C ARG A 36 2.96 6.19 5.51
N TYR A 37 2.58 5.11 4.82
CA TYR A 37 3.30 4.65 3.63
C TYR A 37 3.22 5.72 2.53
N LEU A 38 2.07 6.40 2.39
CA LEU A 38 1.89 7.50 1.45
C LEU A 38 2.88 8.64 1.73
N GLU A 39 3.05 9.07 2.99
CA GLU A 39 4.05 10.08 3.42
C GLU A 39 5.48 9.61 3.11
N ILE A 40 5.86 8.44 3.60
CA ILE A 40 7.19 7.85 3.38
C ILE A 40 7.55 7.75 1.87
N LEU A 41 6.64 7.26 1.03
CA LEU A 41 6.80 7.17 -0.43
C LEU A 41 6.88 8.55 -1.10
N LYS A 42 6.05 9.50 -0.69
CA LYS A 42 6.08 10.86 -1.20
C LYS A 42 7.48 11.50 -0.96
N SER A 43 8.04 11.32 0.24
CA SER A 43 9.42 11.67 0.57
C SER A 43 10.49 11.02 -0.35
N LYS A 44 10.24 9.79 -0.80
CA LYS A 44 11.16 9.00 -1.64
C LYS A 44 10.60 8.69 -3.05
N GLN A 45 10.23 9.75 -3.79
CA GLN A 45 9.74 9.69 -5.17
C GLN A 45 10.86 9.56 -6.22
N LYS A 46 10.56 8.91 -7.35
CA LYS A 46 11.48 8.68 -8.48
C LYS A 46 10.70 8.57 -9.80
N GLU A 47 10.81 9.59 -10.66
CA GLU A 47 10.09 9.76 -11.94
C GLU A 47 10.96 10.35 -13.05
#